data_1YK1
#
_entry.id   1YK1
#
_cell.length_a   56.174
_cell.length_b   136.380
_cell.length_c   138.693
_cell.angle_alpha   90.00
_cell.angle_beta   90.00
_cell.angle_gamma   90.00
#
_symmetry.space_group_name_H-M   'P 21 21 21'
#
loop_
_entity.id
_entity.type
_entity.pdbx_description
1 polymer 'Atrial natriuretic peptide clearance receptor'
2 polymer 'Natriuretic peptides B'
3 branched 2-acetamido-2-deoxy-beta-D-glucopyranose-(1-4)-2-acetamido-2-deoxy-beta-D-glucopyranose
4 non-polymer 2-acetamido-2-deoxy-beta-D-glucopyranose
5 non-polymer 'CHLORIDE ION'
6 water water
#
loop_
_entity_poly.entity_id
_entity_poly.type
_entity_poly.pdbx_seq_one_letter_code
_entity_poly.pdbx_strand_id
1 'polypeptide(L)'
;PSLLVLTFSPCVLLGWALLAGGTGGGGVGGGGGGAGIGGGRQEREALPPQKIEVLVLLPQDDSYLFSLTRVRPAIEYALR
SVEGNGTGRRLLPPGTRFQVAYEDSDCGNRALFSLVDRVAAARGAKPDLILGPVCEYAAAPVARLASHWDLPMLSAGALA
AGFQHKDSEYSHLTRVAPAYAKMGEMMLALFRHHHWSRAALVYSDDKLERNCYFTLEGVHEVFQEEGLHTSIYSFDETKD
LDLEDIVRNIQASERVVIMCASSDTIRSIMLVAHRHGMTSGDYAFFNIELFNSSSYGDGSWKRGDKHDFEAKQAYSSLQT
VTLLRTVKPEFEKFSMEVKSSVEKQGLNMEDYVNMFVEGFHDAILLYVLALHEVLRAGYSKKDGGKIIQQTWNRTFEGIA
GQVSIDANGDRYGDFSVIAMTDVEAGTQEVIGDYFGKEGRFEMRPNVKYPWGPLKLRIDENRIVEHTNSSPCKSSGGLE
;
A,B
2 'polypeptide(L)' GCFGRKMDRISSSSGLGCKVL E
#
# COMPACT_ATOMS: atom_id res chain seq x y z
N ALA A 46 40.04 -23.41 -10.18
CA ALA A 46 39.60 -22.21 -10.96
C ALA A 46 38.39 -22.54 -11.82
N LEU A 47 37.86 -21.50 -12.45
CA LEU A 47 36.70 -21.64 -13.32
C LEU A 47 36.77 -20.58 -14.39
N PRO A 48 36.01 -20.75 -15.48
CA PRO A 48 36.05 -19.75 -16.53
C PRO A 48 35.65 -18.35 -16.06
N PRO A 49 36.16 -17.31 -16.73
CA PRO A 49 35.86 -15.92 -16.40
C PRO A 49 34.34 -15.73 -16.35
N GLN A 50 33.85 -15.09 -15.30
CA GLN A 50 32.42 -14.87 -15.16
C GLN A 50 31.94 -13.60 -15.84
N LYS A 51 30.63 -13.50 -16.02
CA LYS A 51 30.04 -12.33 -16.66
C LYS A 51 28.76 -11.99 -15.89
N ILE A 52 28.93 -11.27 -14.77
CA ILE A 52 27.82 -10.87 -13.91
C ILE A 52 27.10 -9.63 -14.39
N GLU A 53 25.79 -9.74 -14.53
CA GLU A 53 24.98 -8.61 -14.96
C GLU A 53 24.18 -8.15 -13.77
N VAL A 54 24.31 -6.87 -13.42
CA VAL A 54 23.56 -6.32 -12.30
C VAL A 54 22.68 -5.17 -12.76
N LEU A 55 21.50 -5.09 -12.17
CA LEU A 55 20.57 -4.04 -12.52
C LEU A 55 20.47 -3.10 -11.33
N VAL A 56 21.00 -1.90 -11.48
CA VAL A 56 20.94 -0.91 -10.41
C VAL A 56 19.70 -0.04 -10.62
N LEU A 57 18.90 0.12 -9.59
CA LEU A 57 17.69 0.91 -9.66
C LEU A 57 17.60 1.94 -8.55
N LEU A 58 17.94 3.18 -8.89
CA LEU A 58 17.90 4.31 -7.95
C LEU A 58 17.34 5.50 -8.70
N PRO A 59 17.08 6.62 -8.01
CA PRO A 59 16.53 7.78 -8.70
C PRO A 59 17.62 8.59 -9.37
N GLN A 60 17.41 8.97 -10.62
CA GLN A 60 18.42 9.76 -11.29
C GLN A 60 18.44 11.13 -10.64
N ASP A 61 17.27 11.55 -10.15
CA ASP A 61 17.14 12.85 -9.51
C ASP A 61 18.13 12.95 -8.36
N ASP A 62 19.10 13.85 -8.52
CA ASP A 62 20.14 14.04 -7.52
C ASP A 62 19.69 14.73 -6.24
N SER A 63 18.40 15.03 -6.13
CA SER A 63 17.88 15.66 -4.93
C SER A 63 17.69 14.57 -3.86
N TYR A 64 18.04 13.34 -4.20
CA TYR A 64 17.94 12.21 -3.27
C TYR A 64 19.33 11.80 -2.76
N LEU A 65 19.43 11.56 -1.45
CA LEU A 65 20.69 11.16 -0.85
C LEU A 65 21.30 9.91 -1.48
N PHE A 66 20.45 9.09 -2.09
CA PHE A 66 20.90 7.84 -2.73
C PHE A 66 20.71 7.78 -4.24
N SER A 67 20.72 8.93 -4.90
CA SER A 67 20.56 8.96 -6.36
C SER A 67 21.67 8.16 -7.03
N LEU A 68 21.52 7.90 -8.33
CA LEU A 68 22.51 7.13 -9.06
C LEU A 68 23.88 7.81 -9.01
N THR A 69 23.93 9.06 -9.46
CA THR A 69 25.18 9.83 -9.48
C THR A 69 25.97 9.69 -8.18
N ARG A 70 25.26 9.62 -7.05
CA ARG A 70 25.88 9.48 -5.75
C ARG A 70 26.30 8.07 -5.36
N VAL A 71 25.51 7.09 -5.78
CA VAL A 71 25.81 5.71 -5.43
C VAL A 71 26.79 5.03 -6.39
N ARG A 72 26.72 5.39 -7.67
CA ARG A 72 27.59 4.81 -8.66
C ARG A 72 29.06 4.74 -8.22
N PRO A 73 29.63 5.89 -7.80
CA PRO A 73 31.02 5.91 -7.35
C PRO A 73 31.32 4.82 -6.34
N ALA A 74 30.40 4.62 -5.40
CA ALA A 74 30.58 3.60 -4.38
C ALA A 74 30.65 2.22 -5.01
N ILE A 75 29.69 1.94 -5.88
CA ILE A 75 29.64 0.66 -6.57
C ILE A 75 30.93 0.40 -7.32
N GLU A 76 31.29 1.32 -8.22
CA GLU A 76 32.51 1.18 -9.00
C GLU A 76 33.74 0.94 -8.12
N TYR A 77 33.92 1.75 -7.08
CA TYR A 77 35.04 1.60 -6.16
C TYR A 77 35.05 0.15 -5.67
N ALA A 78 33.99 -0.23 -4.95
CA ALA A 78 33.86 -1.58 -4.41
C ALA A 78 34.06 -2.64 -5.47
N LEU A 79 33.80 -2.28 -6.72
CA LEU A 79 33.94 -3.22 -7.83
C LEU A 79 35.42 -3.36 -8.23
N ARG A 80 36.18 -2.27 -8.09
CA ARG A 80 37.60 -2.28 -8.43
C ARG A 80 38.42 -2.98 -7.35
N SER A 81 37.85 -3.08 -6.16
CA SER A 81 38.54 -3.73 -5.05
C SER A 81 38.25 -5.22 -4.95
N VAL A 82 37.08 -5.63 -5.42
CA VAL A 82 36.73 -7.05 -5.35
C VAL A 82 37.60 -7.87 -6.30
N GLU A 83 38.07 -7.24 -7.37
CA GLU A 83 38.90 -7.91 -8.37
C GLU A 83 40.38 -7.90 -8.01
N GLY A 84 40.95 -9.09 -7.84
CA GLY A 84 42.35 -9.21 -7.50
C GLY A 84 42.57 -9.10 -6.01
N LEU A 91 38.50 -13.50 -4.86
CA LEU A 91 37.18 -14.02 -4.54
C LEU A 91 36.50 -14.66 -5.74
N LEU A 92 36.80 -14.15 -6.93
CA LEU A 92 36.21 -14.67 -8.15
C LEU A 92 37.24 -15.13 -9.16
N PRO A 93 36.86 -16.06 -10.05
CA PRO A 93 37.76 -16.57 -11.08
C PRO A 93 38.40 -15.43 -11.86
N PRO A 94 39.72 -15.51 -12.09
CA PRO A 94 40.45 -14.47 -12.84
C PRO A 94 39.84 -14.18 -14.20
N GLY A 95 39.57 -12.91 -14.47
CA GLY A 95 38.98 -12.53 -15.75
C GLY A 95 37.53 -12.12 -15.64
N THR A 96 36.86 -12.56 -14.57
CA THR A 96 35.45 -12.24 -14.33
C THR A 96 35.13 -10.78 -14.62
N ARG A 97 33.93 -10.52 -15.15
CA ARG A 97 33.55 -9.15 -15.46
C ARG A 97 32.18 -8.74 -14.93
N PHE A 98 31.99 -7.42 -14.80
CA PHE A 98 30.75 -6.87 -14.28
C PHE A 98 30.12 -5.87 -15.24
N GLN A 99 28.91 -6.18 -15.72
CA GLN A 99 28.18 -5.29 -16.62
C GLN A 99 27.07 -4.60 -15.85
N VAL A 100 27.35 -3.39 -15.39
CA VAL A 100 26.41 -2.64 -14.59
C VAL A 100 25.48 -1.69 -15.34
N ALA A 101 24.19 -2.01 -15.33
CA ALA A 101 23.17 -1.20 -16.00
C ALA A 101 22.54 -0.25 -14.98
N TYR A 102 22.74 1.05 -15.14
CA TYR A 102 22.16 2.03 -14.20
C TYR A 102 20.85 2.62 -14.71
N GLU A 103 19.73 2.09 -14.24
CA GLU A 103 18.44 2.57 -14.67
C GLU A 103 17.85 3.52 -13.62
N ASP A 104 16.88 4.35 -14.03
CA ASP A 104 16.24 5.31 -13.14
C ASP A 104 15.00 4.72 -12.50
N SER A 105 14.90 4.88 -11.18
CA SER A 105 13.79 4.36 -10.41
C SER A 105 12.71 5.40 -10.26
N ASP A 106 13.10 6.66 -10.28
CA ASP A 106 12.14 7.73 -10.12
C ASP A 106 11.50 7.56 -8.73
N CYS A 107 12.14 6.75 -7.89
CA CYS A 107 11.66 6.52 -6.53
C CYS A 107 10.19 6.12 -6.60
N GLY A 108 9.81 5.49 -7.70
CA GLY A 108 8.43 5.08 -7.87
C GLY A 108 8.22 3.88 -8.76
N ASN A 109 7.14 3.92 -9.54
CA ASN A 109 6.80 2.81 -10.43
C ASN A 109 7.85 2.47 -11.49
N ARG A 110 8.45 3.50 -12.08
CA ARG A 110 9.44 3.31 -13.13
C ARG A 110 10.31 2.06 -12.98
N ALA A 111 10.75 1.78 -11.77
CA ALA A 111 11.60 0.63 -11.52
C ALA A 111 10.92 -0.66 -11.96
N LEU A 112 9.68 -0.88 -11.53
CA LEU A 112 8.96 -2.09 -11.90
C LEU A 112 8.81 -2.11 -13.41
N PHE A 113 8.81 -0.93 -14.01
CA PHE A 113 8.65 -0.83 -15.46
C PHE A 113 9.93 -1.24 -16.16
N SER A 114 11.01 -0.51 -15.87
CA SER A 114 12.29 -0.79 -16.51
C SER A 114 12.73 -2.24 -16.33
N LEU A 115 12.58 -2.76 -15.12
CA LEU A 115 12.95 -4.14 -14.84
C LEU A 115 12.18 -5.08 -15.76
N VAL A 116 10.87 -4.91 -15.83
CA VAL A 116 10.03 -5.77 -16.66
C VAL A 116 10.21 -5.58 -18.15
N ASP A 117 10.49 -4.37 -18.60
CA ASP A 117 10.67 -4.20 -20.03
C ASP A 117 11.95 -4.88 -20.48
N ARG A 118 13.02 -4.70 -19.71
CA ARG A 118 14.31 -5.32 -20.04
C ARG A 118 14.10 -6.82 -20.13
N VAL A 119 13.57 -7.43 -19.07
CA VAL A 119 13.32 -8.86 -19.05
C VAL A 119 12.50 -9.33 -20.25
N ALA A 120 11.64 -8.48 -20.78
CA ALA A 120 10.84 -8.85 -21.93
C ALA A 120 11.65 -8.71 -23.21
N ALA A 121 12.23 -7.52 -23.42
CA ALA A 121 13.03 -7.27 -24.62
C ALA A 121 14.12 -8.33 -24.73
N ALA A 122 14.80 -8.58 -23.61
CA ALA A 122 15.87 -9.57 -23.56
C ALA A 122 15.33 -10.95 -23.87
N ARG A 123 14.04 -11.02 -24.21
CA ARG A 123 13.39 -12.28 -24.55
C ARG A 123 13.23 -13.27 -23.38
N GLY A 124 13.33 -12.77 -22.15
CA GLY A 124 13.16 -13.65 -21.00
C GLY A 124 14.37 -13.74 -20.09
N ALA A 125 15.50 -13.16 -20.52
CA ALA A 125 16.74 -13.18 -19.74
C ALA A 125 16.73 -12.10 -18.67
N LYS A 126 17.06 -12.50 -17.45
CA LYS A 126 17.07 -11.59 -16.31
C LYS A 126 18.47 -11.36 -15.76
N PRO A 127 18.65 -10.25 -15.02
CA PRO A 127 19.96 -9.96 -14.46
C PRO A 127 20.34 -11.00 -13.40
N ASP A 128 21.60 -10.98 -12.97
CA ASP A 128 22.06 -11.92 -11.96
C ASP A 128 21.97 -11.26 -10.60
N LEU A 129 21.99 -9.92 -10.58
CA LEU A 129 21.93 -9.18 -9.33
C LEU A 129 21.18 -7.85 -9.53
N ILE A 130 20.30 -7.56 -8.59
CA ILE A 130 19.51 -6.32 -8.60
C ILE A 130 19.78 -5.49 -7.34
N LEU A 131 20.27 -4.27 -7.52
CA LEU A 131 20.54 -3.37 -6.40
C LEU A 131 19.47 -2.30 -6.37
N GLY A 132 18.84 -2.11 -5.21
CA GLY A 132 17.78 -1.12 -5.11
C GLY A 132 16.44 -1.70 -5.56
N PRO A 133 15.37 -0.90 -5.62
CA PRO A 133 15.27 0.54 -5.31
C PRO A 133 15.50 0.75 -3.84
N VAL A 134 15.35 1.99 -3.39
CA VAL A 134 15.52 2.35 -1.98
C VAL A 134 14.20 2.81 -1.37
N CYS A 135 13.38 3.49 -2.18
CA CYS A 135 12.08 3.97 -1.77
C CYS A 135 11.14 2.79 -1.51
N GLU A 136 10.47 2.79 -0.35
CA GLU A 136 9.55 1.72 0.05
C GLU A 136 8.55 1.27 -0.99
N TYR A 137 7.80 2.22 -1.53
CA TYR A 137 6.81 1.89 -2.52
C TYR A 137 7.39 1.33 -3.80
N ALA A 138 8.60 1.75 -4.16
CA ALA A 138 9.23 1.28 -5.37
C ALA A 138 9.93 -0.06 -5.19
N ALA A 139 10.45 -0.31 -4.00
CA ALA A 139 11.15 -1.57 -3.72
C ALA A 139 10.24 -2.79 -3.56
N ALA A 140 8.94 -2.56 -3.43
CA ALA A 140 8.01 -3.67 -3.23
C ALA A 140 7.89 -4.63 -4.42
N PRO A 141 7.23 -4.21 -5.50
CA PRO A 141 7.12 -5.15 -6.63
C PRO A 141 8.45 -5.72 -7.09
N VAL A 142 9.45 -4.87 -7.28
CA VAL A 142 10.74 -5.38 -7.73
C VAL A 142 11.19 -6.51 -6.82
N ALA A 143 11.07 -6.33 -5.51
CA ALA A 143 11.47 -7.36 -4.57
C ALA A 143 10.66 -8.63 -4.87
N ARG A 144 9.34 -8.49 -4.84
CA ARG A 144 8.44 -9.62 -5.12
C ARG A 144 8.84 -10.33 -6.41
N LEU A 145 8.95 -9.60 -7.52
CA LEU A 145 9.33 -10.20 -8.78
C LEU A 145 10.68 -10.90 -8.69
N ALA A 146 11.59 -10.32 -7.90
CA ALA A 146 12.90 -10.93 -7.75
C ALA A 146 12.74 -12.31 -7.12
N SER A 147 11.85 -12.40 -6.15
CA SER A 147 11.58 -13.65 -5.45
C SER A 147 10.98 -14.63 -6.44
N HIS A 148 10.08 -14.13 -7.28
CA HIS A 148 9.42 -14.96 -8.27
C HIS A 148 10.45 -15.52 -9.26
N TRP A 149 11.43 -14.71 -9.64
CA TRP A 149 12.43 -15.13 -10.61
C TRP A 149 13.72 -15.70 -10.02
N ASP A 150 13.75 -15.91 -8.72
CA ASP A 150 14.92 -16.45 -8.06
C ASP A 150 16.13 -15.53 -8.26
N LEU A 151 15.89 -14.22 -8.33
CA LEU A 151 16.97 -13.24 -8.49
C LEU A 151 17.25 -12.62 -7.16
N PRO A 152 18.53 -12.54 -6.77
CA PRO A 152 18.82 -11.92 -5.47
C PRO A 152 18.70 -10.40 -5.58
N MET A 153 18.24 -9.78 -4.50
CA MET A 153 18.09 -8.34 -4.44
C MET A 153 18.67 -7.81 -3.15
N LEU A 154 19.66 -6.94 -3.26
CA LEU A 154 20.31 -6.32 -2.11
C LEU A 154 19.96 -4.83 -2.17
N SER A 155 19.73 -4.21 -1.01
CA SER A 155 19.40 -2.78 -0.99
C SER A 155 19.66 -2.08 0.33
N ALA A 156 20.21 -0.88 0.25
CA ALA A 156 20.50 -0.08 1.43
C ALA A 156 19.26 0.76 1.73
N GLY A 157 18.15 0.38 1.12
CA GLY A 157 16.88 1.05 1.32
C GLY A 157 15.83 0.05 1.75
N ALA A 158 14.57 0.31 1.42
CA ALA A 158 13.50 -0.61 1.79
C ALA A 158 13.56 -0.86 3.28
N LEU A 159 13.48 0.21 4.06
CA LEU A 159 13.57 0.13 5.51
C LEU A 159 12.25 -0.13 6.25
N ALA A 160 11.12 0.00 5.56
CA ALA A 160 9.81 -0.20 6.19
C ALA A 160 9.70 -1.56 6.84
N ALA A 161 8.86 -1.67 7.86
CA ALA A 161 8.70 -2.93 8.61
C ALA A 161 8.01 -4.07 7.85
N GLY A 162 7.42 -3.76 6.71
CA GLY A 162 6.75 -4.80 5.95
C GLY A 162 7.67 -5.79 5.26
N PHE A 163 8.89 -5.38 4.95
CA PHE A 163 9.80 -6.30 4.28
C PHE A 163 10.42 -7.25 5.30
N GLN A 164 9.93 -7.17 6.53
CA GLN A 164 10.43 -8.01 7.62
C GLN A 164 10.10 -9.47 7.38
N HIS A 165 8.88 -9.71 6.93
CA HIS A 165 8.38 -11.06 6.68
C HIS A 165 8.90 -11.61 5.36
N LYS A 166 10.05 -12.27 5.43
CA LYS A 166 10.68 -12.83 4.24
C LYS A 166 10.44 -14.32 4.03
N ASP A 167 9.42 -14.86 4.70
CA ASP A 167 9.09 -16.28 4.56
C ASP A 167 8.57 -16.60 3.17
N SER A 168 8.09 -15.58 2.47
CA SER A 168 7.56 -15.75 1.12
C SER A 168 7.81 -14.56 0.19
N GLU A 169 6.85 -13.66 0.13
CA GLU A 169 6.88 -12.48 -0.70
C GLU A 169 8.28 -11.90 -0.89
N TYR A 170 8.91 -11.51 0.20
CA TYR A 170 10.25 -10.89 0.17
C TYR A 170 11.41 -11.81 0.55
N SER A 171 11.37 -13.05 0.06
CA SER A 171 12.40 -14.04 0.37
C SER A 171 13.79 -13.82 -0.19
N HIS A 172 13.91 -13.03 -1.26
CA HIS A 172 15.22 -12.80 -1.88
C HIS A 172 15.77 -11.40 -1.65
N LEU A 173 15.30 -10.77 -0.57
CA LEU A 173 15.73 -9.43 -0.22
C LEU A 173 16.69 -9.38 0.96
N THR A 174 17.83 -8.75 0.75
CA THR A 174 18.81 -8.58 1.81
C THR A 174 19.01 -7.09 1.98
N ARG A 175 18.82 -6.62 3.20
CA ARG A 175 18.94 -5.21 3.55
C ARG A 175 20.24 -4.87 4.28
N VAL A 176 21.07 -4.03 3.67
CA VAL A 176 22.35 -3.65 4.26
C VAL A 176 22.32 -2.43 5.19
N ALA A 177 21.30 -1.59 5.09
CA ALA A 177 21.20 -0.45 5.98
C ALA A 177 20.30 -0.87 7.13
N PRO A 178 20.47 -0.26 8.31
CA PRO A 178 19.64 -0.61 9.47
C PRO A 178 18.16 -0.30 9.25
N ALA A 179 17.30 -1.32 9.32
CA ALA A 179 15.86 -1.10 9.13
C ALA A 179 15.30 -0.17 10.21
N TYR A 180 14.04 0.24 10.08
CA TYR A 180 13.50 1.12 11.10
C TYR A 180 13.33 0.34 12.39
N ALA A 181 12.69 -0.81 12.29
CA ALA A 181 12.47 -1.67 13.45
C ALA A 181 13.73 -1.70 14.32
N LYS A 182 14.89 -1.68 13.70
CA LYS A 182 16.12 -1.71 14.48
C LYS A 182 16.18 -0.48 15.37
N MET A 183 15.98 0.69 14.77
CA MET A 183 16.01 1.96 15.49
C MET A 183 14.97 1.98 16.59
N GLY A 184 13.92 1.20 16.42
CA GLY A 184 12.89 1.13 17.43
C GLY A 184 13.33 0.17 18.53
N GLU A 185 14.24 -0.74 18.17
CA GLU A 185 14.72 -1.68 19.16
C GLU A 185 15.56 -0.88 20.13
N MET A 186 16.18 0.17 19.60
CA MET A 186 17.01 1.05 20.38
C MET A 186 16.16 1.93 21.29
N MET A 187 15.17 2.61 20.72
CA MET A 187 14.29 3.46 21.51
C MET A 187 13.67 2.63 22.61
N LEU A 188 13.28 1.41 22.28
CA LEU A 188 12.69 0.54 23.29
C LEU A 188 13.71 0.38 24.42
N ALA A 189 14.95 0.13 24.06
CA ALA A 189 16.00 -0.02 25.05
C ALA A 189 16.16 1.30 25.79
N LEU A 190 16.41 2.37 25.03
CA LEU A 190 16.57 3.70 25.63
C LEU A 190 15.44 3.96 26.63
N PHE A 191 14.22 3.58 26.26
CA PHE A 191 13.05 3.75 27.10
C PHE A 191 13.10 2.90 28.38
N ARG A 192 13.55 1.66 28.24
CA ARG A 192 13.63 0.79 29.40
C ARG A 192 14.70 1.29 30.35
N HIS A 193 15.48 2.26 29.88
CA HIS A 193 16.56 2.86 30.66
C HIS A 193 16.03 3.96 31.59
N HIS A 194 15.33 4.95 31.03
CA HIS A 194 14.75 6.03 31.82
C HIS A 194 13.55 5.49 32.57
N HIS A 195 13.21 4.24 32.31
CA HIS A 195 12.08 3.59 32.96
C HIS A 195 10.73 4.08 32.47
N TRP A 196 10.71 4.90 31.43
CA TRP A 196 9.45 5.38 30.89
C TRP A 196 8.67 4.18 30.35
N SER A 197 7.37 4.36 30.15
CA SER A 197 6.54 3.28 29.63
C SER A 197 5.49 3.76 28.64
N ARG A 198 5.25 5.07 28.62
CA ARG A 198 4.27 5.65 27.71
C ARG A 198 4.99 6.57 26.76
N ALA A 199 4.45 6.76 25.56
CA ALA A 199 5.08 7.62 24.56
C ALA A 199 4.08 8.10 23.52
N ALA A 200 4.35 9.27 22.95
CA ALA A 200 3.51 9.83 21.92
C ALA A 200 4.35 9.95 20.67
N LEU A 201 3.85 9.38 19.58
CA LEU A 201 4.56 9.42 18.30
C LEU A 201 3.94 10.51 17.42
N VAL A 202 4.68 11.60 17.22
CA VAL A 202 4.21 12.71 16.39
C VAL A 202 5.00 12.76 15.10
N TYR A 203 4.32 12.48 13.99
CA TYR A 203 5.00 12.46 12.70
C TYR A 203 4.27 13.14 11.55
N SER A 204 4.96 13.29 10.43
CA SER A 204 4.42 13.92 9.23
C SER A 204 4.08 12.85 8.17
N ASP A 205 3.11 13.14 7.31
CA ASP A 205 2.66 12.18 6.31
C ASP A 205 2.22 12.83 4.99
N ASP A 206 3.09 12.78 3.98
CA ASP A 206 2.82 13.35 2.66
C ASP A 206 1.98 12.44 1.75
N LYS A 207 1.65 11.25 2.24
CA LYS A 207 0.88 10.28 1.48
C LYS A 207 1.48 10.03 0.09
N LEU A 208 2.80 10.19 -0.01
CA LEU A 208 3.53 9.97 -1.25
C LEU A 208 4.70 9.03 -0.97
N GLU A 209 5.71 9.55 -0.26
CA GLU A 209 6.89 8.77 0.11
C GLU A 209 6.78 8.28 1.54
N ARG A 210 6.15 9.10 2.39
CA ARG A 210 5.92 8.75 3.79
C ARG A 210 7.12 8.26 4.57
N ASN A 211 8.29 8.86 4.34
CA ASN A 211 9.48 8.41 5.06
C ASN A 211 9.27 8.38 6.57
N CYS A 212 8.76 9.47 7.13
CA CYS A 212 8.53 9.52 8.55
C CYS A 212 7.43 8.54 8.98
N TYR A 213 6.38 8.39 8.17
CA TYR A 213 5.32 7.46 8.55
C TYR A 213 5.98 6.10 8.79
N PHE A 214 6.76 5.64 7.82
CA PHE A 214 7.41 4.35 7.97
C PHE A 214 8.42 4.39 9.10
N THR A 215 9.13 5.50 9.26
CA THR A 215 10.12 5.62 10.33
C THR A 215 9.51 5.33 11.69
N LEU A 216 8.49 6.10 12.06
CA LEU A 216 7.86 5.90 13.35
C LEU A 216 7.13 4.56 13.42
N GLU A 217 6.83 3.96 12.26
CA GLU A 217 6.16 2.65 12.22
C GLU A 217 7.07 1.64 12.93
N GLY A 218 8.37 1.82 12.78
CA GLY A 218 9.33 0.94 13.43
C GLY A 218 9.20 1.09 14.93
N VAL A 219 9.17 2.33 15.41
CA VAL A 219 9.07 2.56 16.85
C VAL A 219 7.81 1.86 17.37
N HIS A 220 6.75 1.97 16.58
CA HIS A 220 5.47 1.38 16.92
C HIS A 220 5.51 -0.14 16.93
N GLU A 221 5.87 -0.74 15.80
CA GLU A 221 5.94 -2.19 15.73
C GLU A 221 6.63 -2.72 16.98
N VAL A 222 7.78 -2.14 17.32
CA VAL A 222 8.51 -2.60 18.49
C VAL A 222 7.85 -2.25 19.83
N PHE A 223 7.44 -0.99 20.03
CA PHE A 223 6.77 -0.62 21.30
C PHE A 223 5.47 -1.39 21.49
N GLN A 224 4.84 -1.78 20.39
CA GLN A 224 3.59 -2.53 20.44
C GLN A 224 3.80 -3.89 21.06
N GLU A 225 4.74 -4.66 20.51
CA GLU A 225 5.05 -5.99 21.01
C GLU A 225 5.28 -5.96 22.50
N GLU A 226 6.17 -5.09 22.93
CA GLU A 226 6.53 -4.96 24.35
C GLU A 226 5.44 -4.40 25.25
N GLY A 227 4.37 -3.87 24.68
CA GLY A 227 3.28 -3.36 25.50
C GLY A 227 3.29 -1.88 25.83
N LEU A 228 4.42 -1.21 25.59
CA LEU A 228 4.46 0.22 25.88
C LEU A 228 3.27 0.89 25.22
N HIS A 229 2.61 1.76 25.96
CA HIS A 229 1.45 2.47 25.45
C HIS A 229 1.95 3.53 24.45
N THR A 230 1.15 3.82 23.42
CA THR A 230 1.55 4.81 22.43
C THR A 230 0.42 5.69 21.91
N SER A 231 0.66 7.00 21.92
CA SER A 231 -0.31 7.96 21.41
C SER A 231 0.19 8.38 20.02
N ILE A 232 -0.67 8.28 19.02
CA ILE A 232 -0.30 8.61 17.64
C ILE A 232 -0.92 9.88 17.08
N TYR A 233 -0.09 10.82 16.65
CA TYR A 233 -0.58 12.05 16.07
C TYR A 233 0.12 12.35 14.74
N SER A 234 -0.63 12.37 13.65
CA SER A 234 -0.04 12.64 12.34
C SER A 234 -0.57 13.92 11.70
N PHE A 235 0.25 14.52 10.86
CA PHE A 235 -0.11 15.76 10.19
C PHE A 235 0.71 15.92 8.90
N ASP A 236 0.21 16.74 7.98
CA ASP A 236 0.92 16.97 6.72
C ASP A 236 1.64 18.29 6.76
N GLU A 237 2.98 18.25 6.83
CA GLU A 237 3.76 19.47 6.88
C GLU A 237 3.70 20.27 5.59
N THR A 238 3.87 19.59 4.45
CA THR A 238 3.82 20.28 3.16
C THR A 238 2.61 21.21 3.13
N LYS A 239 1.44 20.66 3.45
CA LYS A 239 0.21 21.43 3.46
C LYS A 239 0.26 22.48 4.58
N ASP A 240 -0.84 23.19 4.79
CA ASP A 240 -0.89 24.22 5.82
C ASP A 240 -0.52 23.62 7.19
N LEU A 241 0.35 24.33 7.90
CA LEU A 241 0.81 23.90 9.21
C LEU A 241 0.08 24.57 10.36
N ASP A 242 -0.60 23.76 11.18
CA ASP A 242 -1.31 24.27 12.33
C ASP A 242 -0.62 23.72 13.58
N LEU A 243 0.69 23.98 13.65
CA LEU A 243 1.54 23.53 14.73
C LEU A 243 0.87 23.62 16.10
N GLU A 244 0.11 24.70 16.32
CA GLU A 244 -0.58 24.92 17.59
C GLU A 244 -1.32 23.69 18.11
N ASP A 245 -1.96 22.98 17.19
CA ASP A 245 -2.72 21.78 17.51
C ASP A 245 -1.76 20.72 18.02
N ILE A 246 -0.71 20.46 17.25
CA ILE A 246 0.31 19.48 17.59
C ILE A 246 0.59 19.60 19.08
N VAL A 247 1.17 20.74 19.44
CA VAL A 247 1.55 21.09 20.80
C VAL A 247 0.45 20.83 21.82
N ARG A 248 -0.76 21.23 21.45
CA ARG A 248 -1.92 21.05 22.32
C ARG A 248 -2.09 19.59 22.68
N ASN A 249 -2.15 18.74 21.66
CA ASN A 249 -2.30 17.31 21.89
C ASN A 249 -1.12 16.76 22.69
N ILE A 250 0.09 17.24 22.38
CA ILE A 250 1.29 16.80 23.09
C ILE A 250 1.09 16.98 24.59
N GLN A 251 0.86 18.24 24.97
CA GLN A 251 0.66 18.61 26.36
C GLN A 251 -0.61 17.93 26.89
N ALA A 252 -1.28 17.18 26.02
CA ALA A 252 -2.50 16.48 26.40
C ALA A 252 -2.19 15.02 26.68
N SER A 253 -1.47 14.39 25.76
CA SER A 253 -1.12 12.98 25.90
C SER A 253 -0.04 12.71 26.96
N GLU A 254 1.15 12.34 26.49
CA GLU A 254 2.27 12.01 27.38
C GLU A 254 3.28 13.14 27.59
N ARG A 255 4.28 12.84 28.43
CA ARG A 255 5.34 13.78 28.76
C ARG A 255 6.62 13.50 27.96
N VAL A 256 6.66 12.34 27.30
CA VAL A 256 7.81 11.99 26.46
C VAL A 256 7.28 11.91 25.03
N VAL A 257 7.96 12.59 24.12
CA VAL A 257 7.52 12.63 22.73
C VAL A 257 8.57 12.16 21.74
N ILE A 258 8.19 11.29 20.81
CA ILE A 258 9.14 10.86 19.78
C ILE A 258 8.65 11.38 18.44
N MET A 259 9.35 12.38 17.92
CA MET A 259 8.99 13.04 16.66
C MET A 259 9.82 12.66 15.42
N CYS A 260 9.29 13.04 14.25
CA CYS A 260 9.92 12.81 12.96
C CYS A 260 9.27 13.73 11.92
N ALA A 261 10.09 14.56 11.28
CA ALA A 261 9.64 15.48 10.25
C ALA A 261 10.85 16.29 9.80
N SER A 262 10.70 17.07 8.73
CA SER A 262 11.81 17.87 8.23
C SER A 262 12.43 18.64 9.38
N SER A 263 13.75 18.79 9.34
CA SER A 263 14.48 19.51 10.40
C SER A 263 13.79 20.84 10.72
N ASP A 264 13.35 21.54 9.67
CA ASP A 264 12.65 22.80 9.84
C ASP A 264 11.33 22.60 10.54
N THR A 265 10.58 21.55 10.19
CA THR A 265 9.32 21.32 10.88
C THR A 265 9.57 21.05 12.36
N ILE A 266 10.61 20.29 12.68
CA ILE A 266 10.88 20.02 14.09
C ILE A 266 11.16 21.31 14.84
N ARG A 267 11.85 22.24 14.18
CA ARG A 267 12.16 23.53 14.79
C ARG A 267 10.85 24.22 15.19
N SER A 268 9.98 24.40 14.21
CA SER A 268 8.68 25.05 14.43
C SER A 268 7.94 24.45 15.61
N ILE A 269 7.88 23.12 15.67
CA ILE A 269 7.19 22.46 16.78
C ILE A 269 7.89 22.74 18.11
N MET A 270 9.22 22.82 18.05
CA MET A 270 10.01 23.09 19.26
C MET A 270 9.79 24.49 19.77
N LEU A 271 9.58 25.44 18.87
CA LEU A 271 9.32 26.81 19.26
C LEU A 271 7.91 26.88 19.84
N VAL A 272 6.92 26.56 19.01
CA VAL A 272 5.53 26.59 19.45
C VAL A 272 5.37 26.03 20.85
N ALA A 273 6.08 24.95 21.16
CA ALA A 273 5.98 24.33 22.48
C ALA A 273 6.76 25.09 23.54
N HIS A 274 7.82 25.74 23.11
CA HIS A 274 8.71 26.53 23.96
C HIS A 274 7.91 27.73 24.48
N ARG A 275 7.29 28.43 23.55
CA ARG A 275 6.45 29.58 23.87
C ARG A 275 5.36 29.16 24.87
N HIS A 276 5.10 27.86 24.94
CA HIS A 276 4.11 27.32 25.86
C HIS A 276 4.81 26.86 27.15
N GLY A 277 6.09 27.20 27.27
CA GLY A 277 6.83 26.82 28.45
C GLY A 277 6.86 25.32 28.71
N MET A 278 6.94 24.53 27.65
CA MET A 278 6.98 23.08 27.78
C MET A 278 8.43 22.61 27.70
N THR A 279 9.32 23.55 27.38
CA THR A 279 10.74 23.28 27.22
C THR A 279 11.54 23.47 28.50
N SER A 280 10.90 23.40 29.65
CA SER A 280 11.60 23.63 30.92
C SER A 280 12.11 22.38 31.65
N GLY A 281 11.56 21.22 31.33
CA GLY A 281 11.99 20.01 32.01
C GLY A 281 10.81 19.16 32.40
N ASP A 282 9.64 19.51 31.86
CA ASP A 282 8.42 18.76 32.12
C ASP A 282 8.23 17.75 31.00
N TYR A 283 8.84 18.05 29.86
CA TYR A 283 8.75 17.19 28.70
C TYR A 283 10.10 16.74 28.20
N ALA A 284 10.08 15.62 27.49
CA ALA A 284 11.27 15.04 26.90
C ALA A 284 10.95 14.92 25.41
N PHE A 285 11.69 15.65 24.58
CA PHE A 285 11.48 15.61 23.14
C PHE A 285 12.58 14.87 22.42
N PHE A 286 12.17 14.07 21.43
CA PHE A 286 13.10 13.30 20.60
C PHE A 286 12.67 13.42 19.14
N ASN A 287 13.63 13.28 18.25
CA ASN A 287 13.34 13.31 16.83
C ASN A 287 14.36 12.41 16.15
N ILE A 288 13.87 11.56 15.25
CA ILE A 288 14.74 10.63 14.54
C ILE A 288 15.29 11.33 13.31
N GLU A 289 16.62 11.30 13.17
CA GLU A 289 17.29 11.91 12.03
C GLU A 289 18.50 11.02 11.73
N LEU A 290 18.23 9.92 11.05
CA LEU A 290 19.24 8.91 10.72
C LEU A 290 20.20 9.18 9.56
N PHE A 291 19.82 10.04 8.63
CA PHE A 291 20.68 10.23 7.47
C PHE A 291 21.42 11.54 7.25
N ASN A 292 20.91 12.65 7.76
CA ASN A 292 21.61 13.92 7.58
C ASN A 292 21.86 14.54 8.95
N SER A 293 22.26 13.70 9.90
CA SER A 293 22.55 14.13 11.25
C SER A 293 24.00 14.57 11.39
N SER A 294 24.22 15.87 11.29
CA SER A 294 25.56 16.43 11.38
C SER A 294 25.50 17.91 11.71
N SER A 295 24.29 18.42 11.92
CA SER A 295 24.11 19.83 12.24
C SER A 295 24.66 20.17 13.62
N TYR A 296 24.67 19.19 14.52
CA TYR A 296 25.21 19.42 15.85
C TYR A 296 26.70 19.68 15.66
N GLY A 297 27.35 20.25 16.66
CA GLY A 297 28.76 20.56 16.51
C GLY A 297 28.84 21.94 15.90
N ASP A 298 27.67 22.41 15.46
CA ASP A 298 27.51 23.72 14.88
C ASP A 298 26.26 24.31 15.50
N GLY A 299 25.31 23.42 15.78
CA GLY A 299 24.04 23.84 16.36
C GLY A 299 22.91 23.52 15.41
N SER A 300 22.07 22.56 15.78
CA SER A 300 20.94 22.14 14.97
C SER A 300 19.76 23.12 15.05
N TRP A 301 19.82 24.02 16.02
CA TRP A 301 18.79 25.03 16.22
C TRP A 301 19.16 26.27 15.41
N LYS A 302 20.46 26.56 15.40
CA LYS A 302 21.00 27.70 14.68
C LYS A 302 20.56 27.66 13.22
N ARG A 303 20.22 28.84 12.68
CA ARG A 303 19.79 28.93 11.30
C ARG A 303 20.14 30.27 10.65
N GLY A 304 20.83 31.12 11.40
CA GLY A 304 21.16 32.43 10.86
C GLY A 304 19.85 33.20 10.81
N ASP A 305 18.83 32.59 11.40
CA ASP A 305 17.50 33.16 11.46
C ASP A 305 17.44 34.07 12.67
N LYS A 306 16.38 34.84 12.77
CA LYS A 306 16.20 35.73 13.89
C LYS A 306 15.78 34.94 15.12
N HIS A 307 15.00 33.88 14.91
CA HIS A 307 14.53 33.02 16.00
C HIS A 307 15.68 32.18 16.56
N ASP A 308 16.87 32.40 16.03
CA ASP A 308 18.05 31.66 16.46
C ASP A 308 18.24 31.58 17.98
N PHE A 309 17.64 32.51 18.72
CA PHE A 309 17.79 32.47 20.17
C PHE A 309 16.74 31.58 20.80
N GLU A 310 15.48 31.80 20.46
CA GLU A 310 14.41 30.98 21.01
C GLU A 310 14.73 29.53 20.70
N ALA A 311 15.10 29.29 19.45
CA ALA A 311 15.45 27.95 19.00
C ALA A 311 16.47 27.31 19.94
N LYS A 312 17.59 28.01 20.15
CA LYS A 312 18.65 27.53 21.02
C LYS A 312 18.09 27.13 22.38
N GLN A 313 17.19 27.95 22.89
CA GLN A 313 16.54 27.72 24.18
C GLN A 313 15.79 26.38 24.19
N ALA A 314 14.75 26.31 23.36
CA ALA A 314 13.87 25.14 23.23
C ALA A 314 14.58 23.82 22.97
N TYR A 315 15.52 23.83 22.04
CA TYR A 315 16.26 22.61 21.71
C TYR A 315 16.96 21.99 22.91
N SER A 316 17.09 22.76 23.99
CA SER A 316 17.75 22.26 25.18
C SER A 316 17.07 20.99 25.70
N SER A 317 15.78 20.86 25.43
CA SER A 317 15.02 19.70 25.88
C SER A 317 14.80 18.72 24.74
N LEU A 318 15.52 18.93 23.64
CA LEU A 318 15.38 18.06 22.48
C LEU A 318 16.60 17.16 22.19
N GLN A 319 16.39 15.85 22.27
CA GLN A 319 17.41 14.86 21.99
C GLN A 319 17.18 14.30 20.58
N THR A 320 18.26 14.10 19.82
CA THR A 320 18.21 13.58 18.45
C THR A 320 18.84 12.20 18.27
N VAL A 321 18.13 11.27 17.66
CA VAL A 321 18.70 9.95 17.46
C VAL A 321 19.17 9.85 16.01
N THR A 322 20.42 9.44 15.83
CA THR A 322 21.02 9.29 14.50
C THR A 322 21.77 7.97 14.42
N LEU A 323 22.54 7.79 13.36
CA LEU A 323 23.31 6.57 13.14
C LEU A 323 24.74 6.69 13.63
N LEU A 324 25.24 5.64 14.28
CA LEU A 324 26.62 5.63 14.77
C LEU A 324 27.55 5.31 13.61
N ARG A 325 28.18 6.34 13.07
CA ARG A 325 29.06 6.14 11.94
C ARG A 325 30.54 6.14 12.28
N THR A 326 31.08 4.93 12.37
CA THR A 326 32.48 4.71 12.69
C THR A 326 33.36 4.93 11.48
N VAL A 327 34.61 5.35 11.72
CA VAL A 327 35.55 5.60 10.65
C VAL A 327 36.75 4.65 10.63
N LYS A 328 37.61 4.85 9.65
CA LYS A 328 38.79 4.03 9.45
C LYS A 328 39.58 4.66 8.29
N PRO A 329 40.91 4.52 8.30
CA PRO A 329 41.67 5.13 7.20
C PRO A 329 41.02 4.81 5.86
N GLU A 330 40.77 3.53 5.59
CA GLU A 330 40.13 3.14 4.33
C GLU A 330 38.98 4.08 4.01
N PHE A 331 38.00 4.08 4.89
CA PHE A 331 36.80 4.90 4.74
C PHE A 331 37.13 6.32 4.31
N GLU A 332 38.25 6.85 4.78
CA GLU A 332 38.68 8.20 4.44
C GLU A 332 38.94 8.29 2.93
N LYS A 333 39.84 7.43 2.45
CA LYS A 333 40.18 7.40 1.03
C LYS A 333 38.91 7.24 0.20
N PHE A 334 38.03 6.33 0.64
CA PHE A 334 36.77 6.07 -0.07
C PHE A 334 35.99 7.37 -0.17
N SER A 335 35.77 7.99 1.00
CA SER A 335 35.03 9.23 1.07
C SER A 335 35.63 10.27 0.14
N MET A 336 36.95 10.43 0.18
CA MET A 336 37.62 11.41 -0.67
C MET A 336 37.31 11.20 -2.15
N GLU A 337 37.54 9.98 -2.62
CA GLU A 337 37.30 9.67 -4.02
C GLU A 337 35.85 9.79 -4.44
N VAL A 338 34.93 9.32 -3.59
CA VAL A 338 33.52 9.39 -3.92
C VAL A 338 33.10 10.85 -4.01
N LYS A 339 33.69 11.67 -3.13
CA LYS A 339 33.39 13.11 -3.09
C LYS A 339 33.88 13.79 -4.35
N SER A 340 35.15 13.62 -4.65
CA SER A 340 35.74 14.23 -5.84
C SER A 340 34.96 13.91 -7.13
N SER A 341 34.27 12.78 -7.17
CA SER A 341 33.51 12.43 -8.37
C SER A 341 32.18 13.17 -8.41
N VAL A 342 31.36 12.97 -7.39
CA VAL A 342 30.07 13.64 -7.32
C VAL A 342 30.26 15.13 -7.64
N GLU A 343 31.35 15.68 -7.12
CA GLU A 343 31.65 17.09 -7.33
C GLU A 343 31.89 17.45 -8.78
N LYS A 344 32.82 16.76 -9.44
CA LYS A 344 33.08 17.06 -10.85
C LYS A 344 31.90 16.59 -11.66
N GLN A 345 30.73 16.59 -11.03
CA GLN A 345 29.49 16.17 -11.65
C GLN A 345 28.45 17.28 -11.46
N GLY A 346 28.75 18.20 -10.55
CA GLY A 346 27.85 19.31 -10.30
C GLY A 346 27.15 19.26 -8.96
N LEU A 347 27.65 18.42 -8.06
CA LEU A 347 27.04 18.29 -6.73
C LEU A 347 28.10 18.28 -5.62
N ASN A 348 27.76 18.91 -4.50
CA ASN A 348 28.64 18.95 -3.35
C ASN A 348 28.17 17.85 -2.41
N MET A 349 29.05 17.37 -1.52
CA MET A 349 28.65 16.30 -0.61
C MET A 349 28.75 16.68 0.85
N GLU A 350 27.93 16.01 1.66
CA GLU A 350 27.85 16.22 3.09
C GLU A 350 29.08 15.81 3.90
N ASP A 351 30.26 16.17 3.42
CA ASP A 351 31.49 15.84 4.14
C ASP A 351 31.78 14.35 4.11
N TYR A 352 31.18 13.58 5.02
CA TYR A 352 31.35 12.13 5.02
C TYR A 352 30.25 11.52 4.17
N VAL A 353 30.58 10.56 3.32
CA VAL A 353 29.58 9.91 2.47
C VAL A 353 28.42 9.44 3.34
N ASN A 354 27.20 9.53 2.84
CA ASN A 354 26.06 9.11 3.64
C ASN A 354 25.98 7.59 3.79
N MET A 355 25.16 7.16 4.73
CA MET A 355 24.98 5.74 5.02
C MET A 355 24.57 4.93 3.80
N PHE A 356 23.89 5.57 2.86
CA PHE A 356 23.43 4.88 1.65
C PHE A 356 24.59 4.46 0.76
N VAL A 357 25.46 5.42 0.45
CA VAL A 357 26.62 5.20 -0.37
C VAL A 357 27.49 4.11 0.27
N GLU A 358 27.74 4.24 1.57
CA GLU A 358 28.54 3.26 2.31
C GLU A 358 27.91 1.88 2.20
N GLY A 359 26.60 1.83 2.40
CA GLY A 359 25.88 0.58 2.35
C GLY A 359 26.00 -0.13 1.01
N PHE A 360 25.77 0.59 -0.07
CA PHE A 360 25.86 -0.08 -1.36
C PHE A 360 27.26 -0.61 -1.59
N HIS A 361 28.27 0.14 -1.16
CA HIS A 361 29.64 -0.35 -1.33
C HIS A 361 29.67 -1.73 -0.69
N ASP A 362 29.34 -1.79 0.60
CA ASP A 362 29.34 -3.05 1.32
C ASP A 362 28.41 -4.06 0.68
N ALA A 363 27.32 -3.58 0.06
CA ALA A 363 26.41 -4.50 -0.58
C ALA A 363 27.19 -5.29 -1.63
N ILE A 364 27.85 -4.56 -2.53
CA ILE A 364 28.65 -5.15 -3.60
C ILE A 364 29.52 -6.30 -3.07
N LEU A 365 30.31 -6.02 -2.04
CA LEU A 365 31.17 -7.03 -1.47
C LEU A 365 30.33 -8.22 -1.03
N LEU A 366 29.40 -7.94 -0.12
CA LEU A 366 28.52 -8.98 0.41
C LEU A 366 28.03 -9.90 -0.68
N TYR A 367 27.83 -9.38 -1.89
CA TYR A 367 27.36 -10.24 -2.98
C TYR A 367 28.52 -11.09 -3.48
N VAL A 368 29.61 -10.42 -3.87
CA VAL A 368 30.81 -11.10 -4.38
C VAL A 368 31.36 -12.04 -3.33
N LEU A 369 30.91 -11.87 -2.10
CA LEU A 369 31.34 -12.73 -1.02
C LEU A 369 30.52 -14.00 -1.01
N ALA A 370 29.25 -13.86 -1.38
CA ALA A 370 28.34 -14.99 -1.41
C ALA A 370 28.40 -15.78 -2.73
N LEU A 371 28.71 -15.09 -3.82
CA LEU A 371 28.82 -15.75 -5.12
C LEU A 371 30.03 -16.66 -5.07
N HIS A 372 31.02 -16.22 -4.32
CA HIS A 372 32.25 -16.97 -4.16
C HIS A 372 32.01 -18.29 -3.45
N GLU A 373 31.21 -18.25 -2.39
CA GLU A 373 30.90 -19.45 -1.62
C GLU A 373 29.96 -20.38 -2.37
N VAL A 374 29.00 -19.79 -3.08
CA VAL A 374 28.05 -20.57 -3.85
C VAL A 374 28.80 -21.31 -4.97
N LEU A 375 29.66 -20.57 -5.67
CA LEU A 375 30.43 -21.15 -6.75
C LEU A 375 31.20 -22.36 -6.23
N ARG A 376 32.03 -22.15 -5.21
CA ARG A 376 32.81 -23.22 -4.63
C ARG A 376 32.04 -24.50 -4.33
N ALA A 377 30.80 -24.36 -3.91
CA ALA A 377 29.99 -25.53 -3.58
C ALA A 377 29.45 -26.23 -4.82
N GLY A 378 29.57 -25.59 -5.98
CA GLY A 378 29.09 -26.23 -7.20
C GLY A 378 28.04 -25.46 -7.99
N TYR A 379 27.16 -24.76 -7.29
CA TYR A 379 26.09 -24.01 -7.93
C TYR A 379 26.58 -22.84 -8.77
N SER A 380 25.65 -22.17 -9.43
CA SER A 380 25.97 -21.04 -10.29
C SER A 380 25.32 -19.75 -9.82
N LYS A 381 25.62 -18.65 -10.51
CA LYS A 381 25.07 -17.36 -10.16
C LYS A 381 23.56 -17.40 -10.32
N LYS A 382 23.07 -18.22 -11.23
CA LYS A 382 21.63 -18.30 -11.44
C LYS A 382 20.87 -18.95 -10.28
N ASP A 383 21.56 -19.37 -9.23
CA ASP A 383 20.87 -19.96 -8.09
C ASP A 383 20.62 -18.82 -7.09
N GLY A 384 19.71 -17.93 -7.47
CA GLY A 384 19.37 -16.77 -6.66
C GLY A 384 19.24 -17.00 -5.17
N GLY A 385 18.23 -17.77 -4.76
CA GLY A 385 18.03 -18.04 -3.35
C GLY A 385 19.26 -18.55 -2.65
N LYS A 386 20.04 -19.39 -3.32
CA LYS A 386 21.24 -19.91 -2.70
C LYS A 386 22.08 -18.72 -2.31
N ILE A 387 22.44 -17.90 -3.29
CA ILE A 387 23.24 -16.71 -3.02
C ILE A 387 22.68 -15.94 -1.83
N ILE A 388 21.42 -15.55 -1.94
CA ILE A 388 20.78 -14.80 -0.88
C ILE A 388 21.03 -15.44 0.48
N GLN A 389 20.78 -16.74 0.60
CA GLN A 389 20.99 -17.41 1.88
C GLN A 389 22.43 -17.27 2.36
N GLN A 390 23.37 -17.11 1.43
CA GLN A 390 24.77 -16.95 1.81
C GLN A 390 24.99 -15.59 2.44
N THR A 391 24.29 -14.58 1.92
CA THR A 391 24.41 -13.22 2.42
C THR A 391 23.81 -12.99 3.81
N TRP A 392 22.95 -13.91 4.25
CA TRP A 392 22.31 -13.80 5.55
C TRP A 392 23.16 -14.36 6.68
N ASN A 393 22.71 -14.08 7.90
CA ASN A 393 23.37 -14.51 9.14
C ASN A 393 24.90 -14.56 9.06
N ARG A 394 25.54 -13.42 8.82
CA ARG A 394 27.00 -13.38 8.73
C ARG A 394 27.61 -12.03 9.10
N THR A 395 28.95 -11.99 9.19
CA THR A 395 29.66 -10.76 9.51
C THR A 395 30.89 -10.56 8.66
N PHE A 396 31.10 -9.33 8.19
CA PHE A 396 32.27 -9.02 7.37
C PHE A 396 32.79 -7.59 7.54
N GLU A 397 33.89 -7.32 6.84
CA GLU A 397 34.51 -6.01 6.90
C GLU A 397 34.03 -5.08 5.78
N GLY A 398 33.31 -4.05 6.16
CA GLY A 398 32.81 -3.10 5.18
C GLY A 398 33.79 -1.98 5.07
N ILE A 399 33.51 -1.05 4.15
CA ILE A 399 34.38 0.10 3.91
C ILE A 399 34.61 0.92 5.18
N ALA A 400 33.71 0.83 6.16
CA ALA A 400 33.87 1.59 7.39
C ALA A 400 34.15 0.75 8.63
N GLY A 401 34.03 -0.57 8.52
CA GLY A 401 34.27 -1.41 9.68
C GLY A 401 33.45 -2.69 9.64
N GLN A 402 33.19 -3.27 10.80
CA GLN A 402 32.40 -4.50 10.86
C GLN A 402 31.01 -4.24 10.33
N VAL A 403 30.42 -5.26 9.72
CA VAL A 403 29.06 -5.19 9.19
C VAL A 403 28.40 -6.51 9.51
N SER A 404 27.16 -6.49 9.97
CA SER A 404 26.50 -7.74 10.33
C SER A 404 25.06 -7.81 9.88
N ILE A 405 24.71 -8.92 9.24
CA ILE A 405 23.37 -9.15 8.76
C ILE A 405 22.78 -10.27 9.62
N ASP A 406 21.68 -9.98 10.31
CA ASP A 406 21.04 -10.95 11.18
C ASP A 406 20.52 -12.15 10.40
N ALA A 407 19.91 -13.10 11.10
CA ALA A 407 19.39 -14.29 10.45
C ALA A 407 18.14 -14.04 9.62
N ASN A 408 17.80 -12.78 9.41
CA ASN A 408 16.61 -12.47 8.62
C ASN A 408 16.96 -11.64 7.39
N GLY A 409 18.24 -11.39 7.18
CA GLY A 409 18.64 -10.63 6.03
C GLY A 409 18.62 -9.12 6.25
N ASP A 410 18.59 -8.72 7.52
CA ASP A 410 18.58 -7.31 7.87
C ASP A 410 19.81 -6.97 8.70
N ARG A 411 20.54 -5.95 8.27
CA ARG A 411 21.76 -5.49 8.94
C ARG A 411 21.46 -4.94 10.33
N TYR A 412 22.36 -5.24 11.27
CA TYR A 412 22.22 -4.76 12.65
C TYR A 412 22.59 -3.29 12.61
N GLY A 413 21.96 -2.49 13.44
CA GLY A 413 22.28 -1.07 13.43
C GLY A 413 22.87 -0.52 14.70
N ASP A 414 23.65 0.55 14.57
CA ASP A 414 24.24 1.21 15.71
C ASP A 414 23.82 2.67 15.65
N PHE A 415 23.22 3.16 16.74
CA PHE A 415 22.73 4.54 16.79
C PHE A 415 23.32 5.40 17.90
N SER A 416 23.25 6.71 17.69
CA SER A 416 23.76 7.67 18.65
C SER A 416 22.67 8.66 19.05
N VAL A 417 22.82 9.24 20.23
CA VAL A 417 21.88 10.22 20.72
C VAL A 417 22.62 11.53 20.97
N ILE A 418 22.05 12.63 20.48
CA ILE A 418 22.67 13.92 20.65
C ILE A 418 21.78 14.81 21.50
N ALA A 419 22.40 15.47 22.47
CA ALA A 419 21.71 16.34 23.40
C ALA A 419 22.45 17.66 23.52
N MET A 420 21.93 18.54 24.37
CA MET A 420 22.52 19.85 24.60
C MET A 420 23.27 19.83 25.94
N THR A 421 24.59 19.76 25.85
CA THR A 421 25.46 19.71 27.04
C THR A 421 25.59 21.05 27.79
N ASP A 422 25.79 22.15 27.06
CA ASP A 422 25.88 23.45 27.69
C ASP A 422 24.85 24.38 27.08
N VAL A 423 23.81 24.65 27.85
CA VAL A 423 22.70 25.49 27.41
C VAL A 423 23.09 26.92 27.02
N GLU A 424 23.95 27.54 27.82
CA GLU A 424 24.37 28.92 27.55
C GLU A 424 24.86 29.08 26.11
N ALA A 425 25.76 28.20 25.72
CA ALA A 425 26.35 28.22 24.38
C ALA A 425 25.46 27.57 23.35
N GLY A 426 24.91 26.41 23.71
CA GLY A 426 24.06 25.69 22.79
C GLY A 426 24.86 24.53 22.24
N THR A 427 25.86 24.12 23.03
CA THR A 427 26.75 23.03 22.67
C THR A 427 25.99 21.71 22.63
N GLN A 428 26.10 21.01 21.49
CA GLN A 428 25.42 19.73 21.33
C GLN A 428 26.43 18.61 21.15
N GLU A 429 26.30 17.56 21.93
CA GLU A 429 27.22 16.43 21.88
C GLU A 429 26.56 15.08 22.14
N VAL A 430 27.08 14.05 21.49
CA VAL A 430 26.56 12.69 21.67
C VAL A 430 26.72 12.29 23.13
N ILE A 431 25.60 11.96 23.76
CA ILE A 431 25.68 11.58 25.16
C ILE A 431 25.65 10.07 25.33
N GLY A 432 25.39 9.33 24.25
CA GLY A 432 25.36 7.88 24.35
C GLY A 432 25.19 7.10 23.07
N ASP A 433 25.72 5.88 23.07
CA ASP A 433 25.62 4.98 21.94
C ASP A 433 24.88 3.72 22.32
N TYR A 434 24.32 3.06 21.31
CA TYR A 434 23.58 1.83 21.51
C TYR A 434 24.07 0.89 20.42
N PHE A 435 24.35 -0.36 20.79
CA PHE A 435 24.84 -1.30 19.82
C PHE A 435 23.86 -2.44 19.56
N GLY A 436 23.37 -2.47 18.32
CA GLY A 436 22.40 -3.46 17.89
C GLY A 436 22.68 -4.90 18.22
N LYS A 437 23.62 -5.51 17.50
CA LYS A 437 23.94 -6.91 17.74
C LYS A 437 24.11 -7.13 19.23
N GLU A 438 25.08 -6.42 19.80
CA GLU A 438 25.40 -6.50 21.23
C GLU A 438 24.10 -6.46 22.02
N GLY A 439 23.23 -5.51 21.66
CA GLY A 439 21.97 -5.38 22.35
C GLY A 439 22.13 -4.58 23.62
N ARG A 440 23.15 -3.72 23.65
CA ARG A 440 23.42 -2.92 24.84
C ARG A 440 23.61 -1.44 24.54
N PHE A 441 23.03 -0.61 25.39
CA PHE A 441 23.11 0.84 25.29
C PHE A 441 24.18 1.30 26.28
N GLU A 442 24.71 2.51 26.08
CA GLU A 442 25.71 3.01 27.01
C GLU A 442 26.02 4.49 26.86
N MET A 443 26.10 5.17 28.01
CA MET A 443 26.39 6.61 28.09
C MET A 443 27.86 6.89 27.82
N ARG A 444 28.14 7.81 26.91
CA ARG A 444 29.53 8.15 26.58
C ARG A 444 30.29 8.73 27.77
N PRO A 445 31.60 8.48 27.83
CA PRO A 445 32.53 8.94 28.88
C PRO A 445 32.33 10.38 29.34
N ALA B 46 -14.24 -4.23 -45.98
CA ALA B 46 -13.18 -3.19 -45.89
C ALA B 46 -12.16 -3.54 -44.81
N LEU B 47 -12.62 -4.20 -43.76
CA LEU B 47 -11.76 -4.58 -42.65
C LEU B 47 -11.42 -6.07 -42.63
N PRO B 48 -10.21 -6.42 -42.17
CA PRO B 48 -9.80 -7.82 -42.12
C PRO B 48 -10.31 -8.47 -40.84
N PRO B 49 -10.55 -9.79 -40.86
CA PRO B 49 -11.02 -10.48 -39.65
C PRO B 49 -10.06 -10.15 -38.52
N GLN B 50 -10.60 -9.79 -37.36
CA GLN B 50 -9.78 -9.45 -36.21
C GLN B 50 -9.66 -10.65 -35.28
N LYS B 51 -8.60 -10.66 -34.49
CA LYS B 51 -8.40 -11.74 -33.53
C LYS B 51 -7.97 -11.11 -32.22
N ILE B 52 -8.94 -10.75 -31.39
CA ILE B 52 -8.62 -10.13 -30.12
C ILE B 52 -8.09 -11.13 -29.10
N GLU B 53 -6.93 -10.82 -28.53
CA GLU B 53 -6.28 -11.66 -27.51
C GLU B 53 -6.65 -11.13 -26.13
N VAL B 54 -7.56 -11.81 -25.45
CA VAL B 54 -8.02 -11.39 -24.13
C VAL B 54 -7.40 -12.16 -22.97
N LEU B 55 -6.98 -11.40 -21.96
CA LEU B 55 -6.38 -11.97 -20.76
C LEU B 55 -7.29 -11.74 -19.57
N VAL B 56 -8.03 -12.77 -19.17
CA VAL B 56 -8.92 -12.70 -18.01
C VAL B 56 -8.18 -13.08 -16.73
N LEU B 57 -8.14 -12.16 -15.78
CA LEU B 57 -7.45 -12.41 -14.51
C LEU B 57 -8.41 -12.39 -13.32
N LEU B 58 -8.84 -13.57 -12.88
CA LEU B 58 -9.75 -13.70 -11.74
C LEU B 58 -9.28 -14.86 -10.89
N PRO B 59 -9.89 -15.07 -9.72
CA PRO B 59 -9.50 -16.16 -8.82
C PRO B 59 -9.97 -17.54 -9.27
N GLN B 60 -9.12 -18.53 -9.03
CA GLN B 60 -9.42 -19.91 -9.37
C GLN B 60 -10.41 -20.43 -8.33
N ASP B 61 -10.24 -19.96 -7.10
CA ASP B 61 -11.09 -20.32 -5.98
C ASP B 61 -12.46 -19.69 -6.14
N ASP B 62 -13.49 -20.54 -6.13
CA ASP B 62 -14.85 -20.07 -6.29
C ASP B 62 -15.47 -19.51 -5.01
N SER B 63 -14.65 -19.31 -3.99
CA SER B 63 -15.16 -18.76 -2.74
C SER B 63 -15.51 -17.30 -3.01
N TYR B 64 -14.96 -16.76 -4.09
CA TYR B 64 -15.18 -15.36 -4.49
C TYR B 64 -16.38 -15.20 -5.40
N LEU B 65 -17.18 -14.18 -5.16
CA LEU B 65 -18.34 -13.96 -5.99
C LEU B 65 -17.94 -13.70 -7.43
N PHE B 66 -16.64 -13.57 -7.66
CA PHE B 66 -16.15 -13.31 -9.02
C PHE B 66 -15.13 -14.29 -9.59
N SER B 67 -15.19 -15.53 -9.14
CA SER B 67 -14.30 -16.59 -9.62
C SER B 67 -14.39 -16.80 -11.14
N LEU B 68 -13.33 -17.34 -11.73
CA LEU B 68 -13.26 -17.59 -13.16
C LEU B 68 -14.46 -18.43 -13.60
N THR B 69 -14.66 -19.53 -12.87
CA THR B 69 -15.74 -20.46 -13.15
C THR B 69 -17.11 -19.81 -13.10
N ARG B 70 -17.28 -18.83 -12.22
CA ARG B 70 -18.57 -18.14 -12.10
C ARG B 70 -18.70 -17.00 -13.10
N VAL B 71 -17.58 -16.54 -13.66
CA VAL B 71 -17.61 -15.43 -14.59
C VAL B 71 -17.43 -15.83 -16.05
N ARG B 72 -16.70 -16.91 -16.30
CA ARG B 72 -16.45 -17.35 -17.67
C ARG B 72 -17.72 -17.39 -18.52
N PRO B 73 -18.78 -18.05 -18.03
CA PRO B 73 -20.03 -18.14 -18.79
C PRO B 73 -20.53 -16.78 -19.25
N ALA B 74 -20.57 -15.83 -18.32
CA ALA B 74 -21.04 -14.48 -18.62
C ALA B 74 -20.26 -13.94 -19.82
N ILE B 75 -18.94 -14.08 -19.77
CA ILE B 75 -18.05 -13.61 -20.81
C ILE B 75 -18.35 -14.24 -22.16
N GLU B 76 -18.39 -15.58 -22.18
CA GLU B 76 -18.66 -16.31 -23.40
C GLU B 76 -20.01 -15.91 -24.00
N TYR B 77 -21.04 -15.86 -23.18
CA TYR B 77 -22.37 -15.46 -23.66
C TYR B 77 -22.25 -14.15 -24.45
N ALA B 78 -21.76 -13.09 -23.79
CA ALA B 78 -21.60 -11.79 -24.43
C ALA B 78 -20.75 -11.92 -25.71
N LEU B 79 -19.86 -12.90 -25.73
CA LEU B 79 -19.01 -13.10 -26.89
C LEU B 79 -19.83 -13.58 -28.08
N ARG B 80 -20.72 -14.55 -27.86
CA ARG B 80 -21.56 -15.05 -28.95
C ARG B 80 -22.27 -13.83 -29.51
N SER B 81 -23.17 -13.26 -28.72
CA SER B 81 -23.92 -12.08 -29.14
C SER B 81 -23.04 -11.04 -29.85
N VAL B 82 -21.77 -10.95 -29.50
CA VAL B 82 -20.92 -9.98 -30.15
C VAL B 82 -20.32 -10.53 -31.45
N GLU B 83 -20.15 -11.84 -31.53
CA GLU B 83 -19.60 -12.49 -32.73
C GLU B 83 -20.73 -12.80 -33.73
N GLY B 84 -21.67 -11.87 -33.85
CA GLY B 84 -22.78 -12.07 -34.77
C GLY B 84 -23.73 -10.88 -34.79
N LEU B 91 -21.21 -5.65 -35.94
CA LEU B 91 -20.41 -4.76 -35.11
C LEU B 91 -18.93 -4.85 -35.44
N LEU B 92 -18.40 -6.08 -35.44
CA LEU B 92 -17.00 -6.32 -35.77
C LEU B 92 -16.89 -7.02 -37.12
N PRO B 93 -15.73 -6.94 -37.78
CA PRO B 93 -15.50 -7.55 -39.09
C PRO B 93 -15.78 -9.06 -39.13
N PRO B 94 -16.45 -9.54 -40.19
CA PRO B 94 -16.77 -10.96 -40.34
C PRO B 94 -15.52 -11.82 -40.32
N GLY B 95 -15.50 -12.82 -39.46
CA GLY B 95 -14.34 -13.67 -39.34
C GLY B 95 -13.55 -13.33 -38.09
N THR B 96 -13.90 -12.20 -37.46
CA THR B 96 -13.24 -11.79 -36.23
C THR B 96 -13.41 -12.87 -35.19
N ARG B 97 -12.35 -13.12 -34.44
CA ARG B 97 -12.38 -14.14 -33.40
C ARG B 97 -11.70 -13.71 -32.10
N PHE B 98 -12.35 -14.03 -30.98
CA PHE B 98 -11.82 -13.73 -29.67
C PHE B 98 -11.09 -14.94 -29.09
N GLN B 99 -9.89 -14.71 -28.58
CA GLN B 99 -9.10 -15.76 -27.95
C GLN B 99 -9.00 -15.34 -26.49
N VAL B 100 -9.76 -16.03 -25.64
CA VAL B 100 -9.75 -15.71 -24.23
C VAL B 100 -8.85 -16.61 -23.40
N ALA B 101 -8.04 -15.97 -22.57
CA ALA B 101 -7.10 -16.64 -21.68
C ALA B 101 -7.53 -16.42 -20.23
N TYR B 102 -8.03 -17.49 -19.61
CA TYR B 102 -8.46 -17.43 -18.23
C TYR B 102 -7.30 -17.82 -17.33
N GLU B 103 -6.84 -16.88 -16.51
CA GLU B 103 -5.71 -17.12 -15.61
C GLU B 103 -6.04 -16.74 -14.17
N ASP B 104 -5.64 -17.60 -13.23
CA ASP B 104 -5.88 -17.39 -11.81
C ASP B 104 -5.13 -16.19 -11.26
N SER B 105 -5.87 -15.18 -10.83
CA SER B 105 -5.30 -13.96 -10.26
C SER B 105 -4.81 -14.23 -8.84
N ASP B 106 -5.49 -15.15 -8.16
CA ASP B 106 -5.18 -15.54 -6.80
C ASP B 106 -5.41 -14.39 -5.83
N CYS B 107 -6.10 -13.36 -6.33
CA CYS B 107 -6.42 -12.19 -5.52
C CYS B 107 -5.17 -11.58 -4.88
N GLY B 108 -4.01 -11.87 -5.47
CA GLY B 108 -2.76 -11.35 -4.95
C GLY B 108 -1.74 -11.15 -6.05
N ASN B 109 -0.46 -11.28 -5.70
CA ASN B 109 0.66 -11.11 -6.64
C ASN B 109 0.58 -12.00 -7.86
N ARG B 110 -0.09 -13.14 -7.73
CA ARG B 110 -0.17 -14.07 -8.85
C ARG B 110 -0.55 -13.36 -10.14
N ALA B 111 -1.53 -12.48 -10.07
CA ALA B 111 -2.01 -11.74 -11.23
C ALA B 111 -0.92 -10.95 -11.92
N LEU B 112 0.02 -10.43 -11.14
CA LEU B 112 1.13 -9.68 -11.68
C LEU B 112 2.09 -10.63 -12.38
N PHE B 113 2.44 -11.69 -11.67
CA PHE B 113 3.34 -12.72 -12.18
C PHE B 113 2.86 -13.33 -13.49
N SER B 114 1.62 -13.77 -13.52
CA SER B 114 1.06 -14.34 -14.73
C SER B 114 1.24 -13.39 -15.90
N LEU B 115 0.69 -12.19 -15.77
CA LEU B 115 0.80 -11.20 -16.82
C LEU B 115 2.25 -11.10 -17.28
N VAL B 116 3.14 -10.73 -16.37
CA VAL B 116 4.56 -10.61 -16.71
C VAL B 116 5.14 -11.84 -17.41
N ASP B 117 5.02 -13.01 -16.78
CA ASP B 117 5.53 -14.25 -17.36
C ASP B 117 4.97 -14.52 -18.75
N ARG B 118 3.72 -14.16 -18.96
CA ARG B 118 3.09 -14.37 -20.25
C ARG B 118 3.78 -13.51 -21.30
N VAL B 119 3.86 -12.21 -21.04
CA VAL B 119 4.49 -11.28 -21.98
C VAL B 119 5.97 -11.53 -22.24
N ALA B 120 6.76 -11.62 -21.17
CA ALA B 120 8.19 -11.85 -21.31
C ALA B 120 8.47 -13.16 -22.05
N ALA B 121 7.88 -14.24 -21.58
CA ALA B 121 8.07 -15.54 -22.22
C ALA B 121 7.86 -15.48 -23.73
N ALA B 122 6.60 -15.40 -24.14
CA ALA B 122 6.25 -15.35 -25.56
C ALA B 122 6.46 -13.99 -26.19
N ARG B 123 7.68 -13.76 -26.67
CA ARG B 123 8.05 -12.52 -27.35
C ARG B 123 7.91 -11.31 -26.42
N GLY B 124 7.37 -10.23 -26.96
CA GLY B 124 7.14 -9.03 -26.19
C GLY B 124 5.71 -8.64 -26.53
N ALA B 125 4.95 -9.63 -26.98
CA ALA B 125 3.56 -9.43 -27.38
C ALA B 125 2.60 -9.51 -26.21
N LYS B 126 2.00 -8.37 -25.90
CA LYS B 126 1.04 -8.27 -24.82
C LYS B 126 -0.31 -8.63 -25.37
N PRO B 127 -1.30 -8.85 -24.50
CA PRO B 127 -2.64 -9.20 -24.97
C PRO B 127 -3.32 -7.95 -25.50
N ASP B 128 -4.49 -8.11 -26.11
CA ASP B 128 -5.24 -6.98 -26.65
C ASP B 128 -6.16 -6.37 -25.61
N LEU B 129 -6.61 -7.20 -24.66
CA LEU B 129 -7.50 -6.74 -23.60
C LEU B 129 -7.33 -7.58 -22.33
N ILE B 130 -7.24 -6.88 -21.20
CA ILE B 130 -7.10 -7.50 -19.89
C ILE B 130 -8.40 -7.31 -19.12
N LEU B 131 -8.91 -8.40 -18.54
CA LEU B 131 -10.13 -8.37 -17.76
C LEU B 131 -9.76 -8.73 -16.32
N GLY B 132 -10.06 -7.83 -15.39
CA GLY B 132 -9.72 -8.06 -14.00
C GLY B 132 -8.36 -7.43 -13.76
N PRO B 133 -7.75 -7.63 -12.58
CA PRO B 133 -8.26 -8.42 -11.46
C PRO B 133 -9.36 -7.61 -10.81
N VAL B 134 -9.93 -8.15 -9.73
CA VAL B 134 -10.99 -7.45 -9.01
C VAL B 134 -10.39 -6.98 -7.69
N CYS B 135 -9.69 -7.89 -7.03
CA CYS B 135 -9.05 -7.58 -5.76
C CYS B 135 -8.24 -6.29 -5.86
N GLU B 136 -8.37 -5.44 -4.84
CA GLU B 136 -7.69 -4.14 -4.80
C GLU B 136 -6.18 -4.18 -4.92
N TYR B 137 -5.55 -4.95 -4.06
CA TYR B 137 -4.11 -5.04 -4.07
C TYR B 137 -3.56 -5.71 -5.33
N ALA B 138 -4.32 -6.65 -5.90
CA ALA B 138 -3.87 -7.36 -7.09
C ALA B 138 -4.19 -6.64 -8.41
N ALA B 139 -4.96 -5.57 -8.35
CA ALA B 139 -5.30 -4.83 -9.56
C ALA B 139 -4.34 -3.68 -9.79
N ALA B 140 -3.75 -3.17 -8.71
CA ALA B 140 -2.84 -2.04 -8.81
C ALA B 140 -1.71 -2.26 -9.82
N PRO B 141 -0.86 -3.28 -9.61
CA PRO B 141 0.23 -3.48 -10.57
C PRO B 141 -0.29 -3.72 -11.98
N VAL B 142 -1.15 -4.73 -12.14
CA VAL B 142 -1.70 -5.07 -13.44
C VAL B 142 -2.28 -3.85 -14.15
N ALA B 143 -2.85 -2.92 -13.39
CA ALA B 143 -3.43 -1.73 -13.97
C ALA B 143 -2.32 -0.77 -14.36
N ARG B 144 -1.31 -0.69 -13.52
CA ARG B 144 -0.20 0.19 -13.78
C ARG B 144 0.55 -0.29 -15.02
N LEU B 145 0.91 -1.56 -15.04
CA LEU B 145 1.60 -2.13 -16.18
C LEU B 145 0.79 -1.96 -17.45
N ALA B 146 -0.53 -1.99 -17.32
CA ALA B 146 -1.38 -1.84 -18.50
C ALA B 146 -1.37 -0.41 -19.01
N SER B 147 -1.43 0.56 -18.09
CA SER B 147 -1.41 1.94 -18.51
C SER B 147 -0.06 2.32 -19.08
N HIS B 148 0.95 1.50 -18.79
CA HIS B 148 2.30 1.75 -19.26
C HIS B 148 2.47 1.19 -20.67
N TRP B 149 1.80 0.09 -20.94
CA TRP B 149 1.88 -0.55 -22.23
C TRP B 149 0.74 -0.12 -23.14
N ASP B 150 0.05 0.95 -22.78
CA ASP B 150 -1.06 1.41 -23.61
C ASP B 150 -2.01 0.24 -23.93
N LEU B 151 -2.41 -0.51 -22.89
CA LEU B 151 -3.33 -1.64 -23.06
C LEU B 151 -4.63 -1.30 -22.35
N PRO B 152 -5.78 -1.60 -22.97
CA PRO B 152 -7.01 -1.25 -22.26
C PRO B 152 -7.36 -2.30 -21.18
N MET B 153 -7.68 -1.81 -19.99
CA MET B 153 -8.03 -2.68 -18.87
C MET B 153 -9.40 -2.38 -18.28
N LEU B 154 -10.29 -3.37 -18.31
CA LEU B 154 -11.63 -3.25 -17.77
C LEU B 154 -11.83 -4.26 -16.63
N SER B 155 -12.54 -3.84 -15.58
CA SER B 155 -12.80 -4.71 -14.43
C SER B 155 -14.08 -4.35 -13.66
N ALA B 156 -14.72 -5.35 -13.08
CA ALA B 156 -15.93 -5.12 -12.31
C ALA B 156 -15.56 -4.93 -10.84
N GLY B 157 -14.26 -4.79 -10.60
CA GLY B 157 -13.75 -4.60 -9.25
C GLY B 157 -12.90 -3.35 -9.13
N ALA B 158 -11.84 -3.43 -8.30
CA ALA B 158 -10.95 -2.30 -8.09
C ALA B 158 -11.81 -1.11 -7.68
N LEU B 159 -12.69 -1.33 -6.69
CA LEU B 159 -13.60 -0.28 -6.24
C LEU B 159 -13.00 0.73 -5.25
N ALA B 160 -11.80 0.45 -4.73
CA ALA B 160 -11.15 1.36 -3.78
C ALA B 160 -11.08 2.78 -4.30
N ALA B 161 -10.81 3.75 -3.43
CA ALA B 161 -10.76 5.14 -3.86
C ALA B 161 -9.46 5.59 -4.54
N GLY B 162 -8.43 4.75 -4.49
CA GLY B 162 -7.17 5.10 -5.12
C GLY B 162 -7.17 5.10 -6.64
N PHE B 163 -7.84 4.12 -7.25
CA PHE B 163 -7.89 4.01 -8.71
C PHE B 163 -8.72 5.14 -9.34
N GLN B 164 -9.02 6.14 -8.53
CA GLN B 164 -9.81 7.28 -8.97
C GLN B 164 -8.97 8.33 -9.64
N HIS B 165 -7.67 8.30 -9.35
CA HIS B 165 -6.71 9.26 -9.90
C HIS B 165 -6.05 8.70 -11.15
N LYS B 166 -6.58 9.06 -12.31
CA LYS B 166 -6.07 8.54 -13.58
C LYS B 166 -5.34 9.53 -14.48
N ASP B 167 -4.90 10.65 -13.91
CA ASP B 167 -4.18 11.61 -14.70
C ASP B 167 -2.88 10.97 -15.14
N SER B 168 -2.52 9.84 -14.52
CA SER B 168 -1.28 9.19 -14.87
C SER B 168 -1.22 7.67 -14.72
N GLU B 169 -1.03 7.16 -13.51
CA GLU B 169 -0.89 5.72 -13.36
C GLU B 169 -2.05 4.78 -13.68
N TYR B 170 -3.28 5.25 -13.62
CA TYR B 170 -4.42 4.37 -13.93
C TYR B 170 -5.17 4.82 -15.18
N SER B 171 -4.49 5.63 -15.99
CA SER B 171 -5.04 6.19 -17.22
C SER B 171 -5.80 5.20 -18.09
N HIS B 172 -5.42 3.94 -18.03
CA HIS B 172 -6.09 2.95 -18.86
C HIS B 172 -7.06 2.02 -18.12
N LEU B 173 -7.67 2.50 -17.04
CA LEU B 173 -8.59 1.68 -16.27
C LEU B 173 -10.04 2.16 -16.28
N THR B 174 -10.96 1.28 -16.66
CA THR B 174 -12.38 1.61 -16.63
C THR B 174 -13.08 0.61 -15.70
N ARG B 175 -13.87 1.14 -14.79
CA ARG B 175 -14.57 0.34 -13.81
C ARG B 175 -16.05 0.24 -14.11
N VAL B 176 -16.45 -0.96 -14.49
CA VAL B 176 -17.84 -1.22 -14.85
C VAL B 176 -18.78 -1.44 -13.66
N ALA B 177 -18.24 -1.49 -12.46
CA ALA B 177 -19.08 -1.66 -11.27
C ALA B 177 -18.99 -0.39 -10.43
N PRO B 178 -20.04 -0.08 -9.65
CA PRO B 178 -20.02 1.12 -8.82
C PRO B 178 -18.88 1.16 -7.79
N ALA B 179 -18.03 2.17 -7.89
CA ALA B 179 -16.92 2.32 -6.96
C ALA B 179 -17.43 2.66 -5.57
N TYR B 180 -16.60 2.46 -4.57
CA TYR B 180 -16.99 2.75 -3.20
C TYR B 180 -17.27 4.23 -2.98
N ALA B 181 -16.50 5.09 -3.62
CA ALA B 181 -16.70 6.53 -3.49
C ALA B 181 -18.08 6.99 -3.93
N LYS B 182 -18.74 6.21 -4.79
CA LYS B 182 -20.08 6.54 -5.25
C LYS B 182 -21.00 6.12 -4.13
N MET B 183 -20.73 4.94 -3.57
CA MET B 183 -21.50 4.41 -2.48
C MET B 183 -21.44 5.39 -1.32
N GLY B 184 -20.35 6.15 -1.27
CA GLY B 184 -20.17 7.15 -0.23
C GLY B 184 -20.97 8.41 -0.57
N GLU B 185 -20.98 8.76 -1.86
CA GLU B 185 -21.73 9.93 -2.32
C GLU B 185 -23.19 9.68 -1.99
N MET B 186 -23.53 8.41 -1.88
CA MET B 186 -24.88 7.98 -1.59
C MET B 186 -25.17 8.34 -0.14
N MET B 187 -24.29 7.89 0.75
CA MET B 187 -24.44 8.16 2.18
C MET B 187 -24.50 9.66 2.46
N LEU B 188 -23.59 10.39 1.81
CA LEU B 188 -23.48 11.84 1.95
C LEU B 188 -24.79 12.56 1.64
N ALA B 189 -25.64 11.92 0.86
CA ALA B 189 -26.92 12.51 0.50
C ALA B 189 -27.92 12.13 1.57
N LEU B 190 -27.83 10.88 2.01
CA LEU B 190 -28.72 10.39 3.04
C LEU B 190 -28.50 11.22 4.30
N PHE B 191 -27.23 11.56 4.55
CA PHE B 191 -26.88 12.36 5.72
C PHE B 191 -27.42 13.78 5.64
N ARG B 192 -27.46 14.34 4.43
CA ARG B 192 -27.96 15.70 4.25
C ARG B 192 -29.47 15.64 4.40
N HIS B 193 -30.03 14.51 3.98
CA HIS B 193 -31.47 14.33 4.04
C HIS B 193 -31.98 14.41 5.48
N HIS B 194 -31.35 13.64 6.37
CA HIS B 194 -31.77 13.59 7.77
C HIS B 194 -31.20 14.66 8.71
N HIS B 195 -30.39 15.57 8.16
CA HIS B 195 -29.78 16.62 8.96
C HIS B 195 -28.72 16.08 9.91
N TRP B 196 -28.14 14.92 9.57
CA TRP B 196 -27.09 14.34 10.39
C TRP B 196 -25.79 14.97 9.93
N SER B 197 -24.87 15.20 10.86
CA SER B 197 -23.60 15.81 10.48
C SER B 197 -22.40 15.10 11.06
N ARG B 198 -22.65 14.06 11.85
CA ARG B 198 -21.55 13.30 12.44
C ARG B 198 -21.85 11.81 12.27
N ALA B 199 -20.82 10.99 12.31
CA ALA B 199 -21.01 9.54 12.13
C ALA B 199 -19.79 8.75 12.61
N ALA B 200 -20.00 7.47 12.86
CA ALA B 200 -18.91 6.62 13.29
C ALA B 200 -18.70 5.58 12.22
N LEU B 201 -17.44 5.22 11.98
CA LEU B 201 -17.11 4.23 10.96
C LEU B 201 -16.46 3.03 11.64
N VAL B 202 -17.25 1.96 11.80
CA VAL B 202 -16.79 0.73 12.44
C VAL B 202 -16.63 -0.36 11.38
N TYR B 203 -15.41 -0.87 11.23
CA TYR B 203 -15.15 -1.90 10.22
C TYR B 203 -14.05 -2.91 10.61
N SER B 204 -14.07 -4.06 9.94
CA SER B 204 -13.09 -5.12 10.16
C SER B 204 -11.91 -4.91 9.20
N ASP B 205 -10.70 -5.12 9.69
CA ASP B 205 -9.48 -4.90 8.89
C ASP B 205 -8.51 -6.07 9.01
N ASP B 206 -8.69 -7.08 8.16
CA ASP B 206 -7.84 -8.27 8.18
C ASP B 206 -6.39 -8.07 7.79
N LYS B 207 -6.03 -6.87 7.34
CA LYS B 207 -4.65 -6.55 6.92
C LYS B 207 -4.19 -7.46 5.79
N LEU B 208 -5.12 -7.90 4.94
CA LEU B 208 -4.79 -8.76 3.81
C LEU B 208 -5.60 -8.33 2.60
N GLU B 209 -6.84 -8.78 2.50
CA GLU B 209 -7.67 -8.37 1.38
C GLU B 209 -8.27 -7.01 1.71
N ARG B 210 -8.68 -6.84 2.97
CA ARG B 210 -9.18 -5.57 3.49
C ARG B 210 -10.39 -4.94 2.79
N ASN B 211 -11.31 -5.76 2.27
CA ASN B 211 -12.46 -5.22 1.57
C ASN B 211 -13.24 -4.19 2.40
N CYS B 212 -13.60 -4.56 3.62
CA CYS B 212 -14.36 -3.65 4.46
C CYS B 212 -13.68 -2.31 4.75
N TYR B 213 -12.36 -2.30 4.77
CA TYR B 213 -11.62 -1.06 5.02
C TYR B 213 -11.78 -0.15 3.81
N PHE B 214 -11.53 -0.71 2.63
CA PHE B 214 -11.67 0.07 1.41
C PHE B 214 -13.10 0.55 1.29
N THR B 215 -14.04 -0.30 1.66
CA THR B 215 -15.43 0.08 1.60
C THR B 215 -15.62 1.38 2.36
N LEU B 216 -15.42 1.34 3.68
CA LEU B 216 -15.61 2.53 4.47
C LEU B 216 -14.68 3.66 4.12
N GLU B 217 -13.62 3.38 3.39
CA GLU B 217 -12.70 4.45 3.01
C GLU B 217 -13.40 5.38 2.03
N GLY B 218 -14.28 4.79 1.22
CA GLY B 218 -15.03 5.57 0.25
C GLY B 218 -15.93 6.56 0.98
N VAL B 219 -16.65 6.07 1.99
CA VAL B 219 -17.55 6.91 2.77
C VAL B 219 -16.74 8.05 3.38
N HIS B 220 -15.58 7.68 3.92
CA HIS B 220 -14.70 8.64 4.54
C HIS B 220 -14.18 9.72 3.60
N GLU B 221 -13.74 9.29 2.41
CA GLU B 221 -13.22 10.23 1.41
C GLU B 221 -14.25 11.29 1.08
N VAL B 222 -15.49 10.88 0.94
CA VAL B 222 -16.55 11.80 0.62
C VAL B 222 -16.91 12.69 1.79
N PHE B 223 -17.04 12.11 2.98
CA PHE B 223 -17.39 12.92 4.14
C PHE B 223 -16.32 13.93 4.48
N GLN B 224 -15.06 13.49 4.59
CA GLN B 224 -13.96 14.40 4.94
C GLN B 224 -13.87 15.64 4.08
N GLU B 225 -14.32 15.56 2.84
CA GLU B 225 -14.26 16.71 1.95
C GLU B 225 -15.43 17.64 2.20
N GLU B 226 -16.63 17.07 2.27
CA GLU B 226 -17.81 17.87 2.48
C GLU B 226 -17.89 18.48 3.88
N GLY B 227 -17.04 18.02 4.78
CA GLY B 227 -17.03 18.57 6.12
C GLY B 227 -17.62 17.78 7.27
N LEU B 228 -18.33 16.70 6.97
CA LEU B 228 -18.92 15.90 8.05
C LEU B 228 -17.81 15.31 8.90
N HIS B 229 -18.00 15.29 10.21
CA HIS B 229 -17.00 14.74 11.10
C HIS B 229 -17.27 13.24 11.27
N THR B 230 -16.20 12.46 11.36
CA THR B 230 -16.32 11.03 11.52
C THR B 230 -15.44 10.56 12.65
N SER B 231 -15.71 9.35 13.13
CA SER B 231 -14.95 8.70 14.19
C SER B 231 -14.67 7.29 13.69
N ILE B 232 -13.40 6.91 13.64
CA ILE B 232 -13.02 5.59 13.16
C ILE B 232 -12.93 4.55 14.28
N TYR B 233 -12.91 3.29 13.89
CA TYR B 233 -12.77 2.19 14.83
C TYR B 233 -12.61 0.88 14.09
N SER B 234 -11.42 0.31 14.19
CA SER B 234 -11.10 -0.94 13.51
C SER B 234 -10.80 -2.07 14.48
N PHE B 235 -11.06 -3.28 14.02
CA PHE B 235 -10.82 -4.49 14.78
C PHE B 235 -10.63 -5.63 13.79
N ASP B 236 -9.80 -6.61 14.15
CA ASP B 236 -9.57 -7.76 13.28
C ASP B 236 -10.64 -8.77 13.66
N GLU B 237 -11.48 -9.19 12.71
CA GLU B 237 -12.53 -10.15 13.05
C GLU B 237 -12.01 -11.56 12.87
N THR B 238 -10.77 -11.64 12.39
CA THR B 238 -10.12 -12.92 12.19
C THR B 238 -9.63 -13.36 13.54
N LYS B 239 -9.41 -12.39 14.42
CA LYS B 239 -8.95 -12.67 15.77
C LYS B 239 -10.15 -12.79 16.71
N ASP B 240 -9.91 -12.56 18.00
CA ASP B 240 -10.95 -12.62 19.01
C ASP B 240 -11.71 -11.30 19.05
N LEU B 241 -13.04 -11.38 19.04
CA LEU B 241 -13.85 -10.18 19.05
C LEU B 241 -14.28 -9.65 20.40
N ASP B 242 -13.74 -8.49 20.73
CA ASP B 242 -14.08 -7.83 21.98
C ASP B 242 -15.28 -6.97 21.63
N LEU B 243 -16.37 -7.65 21.32
CA LEU B 243 -17.62 -7.00 20.93
C LEU B 243 -18.13 -6.00 21.96
N GLU B 244 -17.69 -6.12 23.21
CA GLU B 244 -18.14 -5.22 24.25
C GLU B 244 -17.46 -3.86 24.16
N ASP B 245 -16.17 -3.86 23.85
CA ASP B 245 -15.42 -2.62 23.72
C ASP B 245 -16.00 -1.86 22.54
N ILE B 246 -16.12 -2.55 21.42
CA ILE B 246 -16.66 -1.97 20.19
C ILE B 246 -17.94 -1.23 20.53
N VAL B 247 -18.92 -1.96 21.02
CA VAL B 247 -20.21 -1.39 21.40
C VAL B 247 -20.06 -0.20 22.33
N ARG B 248 -19.12 -0.27 23.27
CA ARG B 248 -18.92 0.82 24.22
C ARG B 248 -18.32 2.07 23.59
N ASN B 249 -17.39 1.89 22.67
CA ASN B 249 -16.80 3.04 22.01
C ASN B 249 -17.92 3.68 21.19
N ILE B 250 -18.75 2.84 20.58
CA ILE B 250 -19.88 3.30 19.79
C ILE B 250 -20.73 4.21 20.67
N GLN B 251 -20.93 3.77 21.92
CA GLN B 251 -21.73 4.53 22.89
C GLN B 251 -21.06 5.89 23.15
N ALA B 252 -19.78 5.96 22.87
CA ALA B 252 -19.03 7.21 23.09
C ALA B 252 -19.19 8.13 21.89
N SER B 253 -18.91 7.59 20.71
CA SER B 253 -18.98 8.34 19.46
C SER B 253 -20.33 8.95 19.07
N GLU B 254 -20.67 8.79 17.80
CA GLU B 254 -21.90 9.36 17.23
C GLU B 254 -23.10 8.45 17.20
N ARG B 255 -24.27 9.07 17.08
CA ARG B 255 -25.55 8.36 17.06
C ARG B 255 -25.84 7.66 15.73
N VAL B 256 -25.11 8.01 14.68
CA VAL B 256 -25.30 7.35 13.39
C VAL B 256 -24.04 6.52 13.16
N VAL B 257 -24.21 5.22 13.01
CA VAL B 257 -23.07 4.32 12.84
C VAL B 257 -23.01 3.59 11.51
N ILE B 258 -21.92 3.78 10.75
CA ILE B 258 -21.76 3.10 9.47
C ILE B 258 -20.90 1.88 9.77
N MET B 259 -21.38 0.70 9.39
CA MET B 259 -20.66 -0.54 9.65
C MET B 259 -20.34 -1.37 8.41
N CYS B 260 -19.34 -2.23 8.56
CA CYS B 260 -18.91 -3.12 7.50
C CYS B 260 -18.10 -4.27 8.10
N ALA B 261 -18.57 -5.48 7.89
CA ALA B 261 -17.87 -6.67 8.39
C ALA B 261 -18.63 -7.89 7.93
N SER B 262 -18.14 -9.07 8.32
CA SER B 262 -18.79 -10.31 7.95
C SER B 262 -20.22 -10.31 8.49
N SER B 263 -21.16 -10.71 7.64
CA SER B 263 -22.59 -10.79 7.97
C SER B 263 -22.82 -11.19 9.43
N ASP B 264 -22.05 -12.17 9.90
CA ASP B 264 -22.15 -12.66 11.27
C ASP B 264 -21.68 -11.65 12.31
N THR B 265 -20.61 -10.91 11.98
CA THR B 265 -20.06 -9.92 12.89
C THR B 265 -21.01 -8.75 13.10
N ILE B 266 -21.68 -8.31 12.04
CA ILE B 266 -22.63 -7.21 12.20
C ILE B 266 -23.72 -7.67 13.15
N ARG B 267 -24.12 -8.94 13.02
CA ARG B 267 -25.15 -9.52 13.90
C ARG B 267 -24.64 -9.51 15.33
N SER B 268 -23.42 -10.00 15.55
CA SER B 268 -22.84 -10.02 16.89
C SER B 268 -23.04 -8.66 17.54
N ILE B 269 -22.33 -7.67 17.02
CA ILE B 269 -22.42 -6.31 17.55
C ILE B 269 -23.87 -5.94 17.82
N MET B 270 -24.75 -6.26 16.87
CA MET B 270 -26.16 -5.96 17.01
C MET B 270 -26.75 -6.55 18.27
N LEU B 271 -26.35 -7.78 18.62
CA LEU B 271 -26.89 -8.38 19.82
C LEU B 271 -26.38 -7.62 21.04
N VAL B 272 -25.06 -7.41 21.10
CA VAL B 272 -24.45 -6.72 22.23
C VAL B 272 -25.04 -5.32 22.41
N ALA B 273 -25.10 -4.54 21.33
CA ALA B 273 -25.66 -3.19 21.39
C ALA B 273 -27.03 -3.32 21.99
N HIS B 274 -27.79 -4.25 21.43
CA HIS B 274 -29.15 -4.52 21.89
C HIS B 274 -29.09 -4.69 23.39
N ARG B 275 -28.23 -5.59 23.84
CA ARG B 275 -28.08 -5.84 25.27
C ARG B 275 -27.85 -4.55 26.04
N HIS B 276 -27.15 -3.59 25.43
CA HIS B 276 -26.90 -2.31 26.07
C HIS B 276 -28.07 -1.35 25.88
N GLY B 277 -29.07 -1.80 25.14
CA GLY B 277 -30.25 -0.97 24.91
C GLY B 277 -29.99 0.18 23.96
N MET B 278 -28.93 0.06 23.17
CA MET B 278 -28.59 1.12 22.24
C MET B 278 -29.47 1.04 21.00
N THR B 279 -30.16 -0.09 20.84
CA THR B 279 -31.05 -0.23 19.70
C THR B 279 -32.28 0.62 20.01
N SER B 280 -33.32 0.52 19.19
CA SER B 280 -34.56 1.28 19.40
C SER B 280 -34.45 2.81 19.47
N GLY B 281 -34.44 3.46 18.31
CA GLY B 281 -34.39 4.90 18.26
C GLY B 281 -33.13 5.69 18.61
N ASP B 282 -32.38 5.27 19.63
CA ASP B 282 -31.17 5.99 20.04
C ASP B 282 -30.09 6.16 19.00
N TYR B 283 -29.55 5.04 18.50
CA TYR B 283 -28.51 5.12 17.51
C TYR B 283 -29.03 4.61 16.17
N ALA B 284 -28.45 5.10 15.08
CA ALA B 284 -28.86 4.67 13.76
C ALA B 284 -27.75 3.82 13.15
N PHE B 285 -27.91 2.51 13.24
CA PHE B 285 -26.92 1.60 12.70
C PHE B 285 -27.18 1.40 11.22
N PHE B 286 -26.09 1.19 10.49
CA PHE B 286 -26.11 0.95 9.05
C PHE B 286 -25.05 -0.11 8.78
N ASN B 287 -25.13 -0.74 7.61
CA ASN B 287 -24.14 -1.73 7.21
C ASN B 287 -24.27 -1.94 5.71
N ILE B 288 -23.12 -1.98 5.03
CA ILE B 288 -23.08 -2.15 3.59
C ILE B 288 -22.92 -3.59 3.14
N GLU B 289 -23.82 -4.00 2.24
CA GLU B 289 -23.86 -5.35 1.66
C GLU B 289 -24.23 -5.12 0.19
N LEU B 290 -23.23 -4.77 -0.60
CA LEU B 290 -23.43 -4.46 -2.01
C LEU B 290 -23.55 -5.62 -3.00
N PHE B 291 -23.12 -6.82 -2.61
CA PHE B 291 -23.11 -7.94 -3.55
C PHE B 291 -23.85 -9.25 -3.25
N ASN B 292 -23.49 -9.88 -2.14
CA ASN B 292 -24.08 -11.14 -1.71
C ASN B 292 -25.57 -11.02 -1.38
N SER B 293 -26.41 -11.67 -2.17
CA SER B 293 -27.86 -11.62 -1.96
C SER B 293 -28.27 -12.30 -0.66
N SER B 294 -27.53 -13.32 -0.27
CA SER B 294 -27.80 -14.06 0.95
C SER B 294 -27.65 -13.17 2.17
N SER B 295 -27.05 -11.99 1.97
CA SER B 295 -26.84 -11.06 3.07
C SER B 295 -27.80 -9.89 3.14
N TYR B 296 -28.22 -9.36 1.99
CA TYR B 296 -29.15 -8.24 2.01
C TYR B 296 -30.58 -8.71 1.80
N GLY B 297 -30.75 -10.02 1.70
CA GLY B 297 -32.08 -10.57 1.51
C GLY B 297 -32.88 -10.60 2.78
N ASP B 298 -34.18 -10.37 2.65
CA ASP B 298 -35.09 -10.36 3.79
C ASP B 298 -34.80 -11.49 4.77
N GLY B 299 -34.96 -11.18 6.06
CA GLY B 299 -34.71 -12.17 7.09
C GLY B 299 -33.23 -12.26 7.44
N SER B 300 -32.49 -11.20 7.13
CA SER B 300 -31.06 -11.16 7.39
C SER B 300 -30.67 -11.55 8.80
N TRP B 301 -31.54 -11.22 9.75
CA TRP B 301 -31.29 -11.50 11.17
C TRP B 301 -31.47 -12.93 11.60
N LYS B 302 -32.17 -13.71 10.79
CA LYS B 302 -32.43 -15.11 11.09
C LYS B 302 -31.19 -15.98 10.90
N ARG B 303 -31.12 -17.08 11.65
CA ARG B 303 -30.00 -18.01 11.58
C ARG B 303 -30.42 -19.39 12.07
N GLY B 304 -31.70 -19.55 12.37
CA GLY B 304 -32.18 -20.82 12.89
C GLY B 304 -31.41 -21.06 14.18
N ASP B 305 -31.13 -19.97 14.88
CA ASP B 305 -30.37 -20.03 16.12
C ASP B 305 -31.25 -19.63 17.29
N LYS B 306 -30.75 -19.88 18.49
CA LYS B 306 -31.46 -19.57 19.73
C LYS B 306 -31.70 -18.07 19.88
N HIS B 307 -30.80 -17.26 19.33
CA HIS B 307 -30.88 -15.81 19.43
C HIS B 307 -31.87 -15.16 18.44
N ASP B 308 -32.25 -15.91 17.42
CA ASP B 308 -33.17 -15.41 16.39
C ASP B 308 -34.23 -14.43 16.85
N PHE B 309 -34.75 -14.61 18.07
CA PHE B 309 -35.77 -13.67 18.53
C PHE B 309 -35.13 -12.35 18.88
N GLU B 310 -34.06 -12.42 19.66
CA GLU B 310 -33.32 -11.25 20.09
C GLU B 310 -32.78 -10.48 18.88
N ALA B 311 -32.17 -11.20 17.94
CA ALA B 311 -31.63 -10.58 16.72
C ALA B 311 -32.68 -9.74 15.99
N LYS B 312 -33.84 -10.32 15.75
CA LYS B 312 -34.91 -9.61 15.07
C LYS B 312 -35.19 -8.31 15.83
N GLN B 313 -34.99 -8.36 17.14
CA GLN B 313 -35.25 -7.21 18.00
C GLN B 313 -34.23 -6.11 17.77
N ALA B 314 -32.97 -6.49 17.59
CA ALA B 314 -31.92 -5.51 17.36
C ALA B 314 -32.02 -4.85 15.99
N TYR B 315 -32.17 -5.69 14.95
CA TYR B 315 -32.26 -5.19 13.57
C TYR B 315 -33.39 -4.20 13.32
N SER B 316 -34.15 -3.87 14.34
CA SER B 316 -35.24 -2.92 14.16
C SER B 316 -34.67 -1.52 14.01
N SER B 317 -33.36 -1.43 14.17
CA SER B 317 -32.65 -0.14 14.09
C SER B 317 -31.52 -0.19 13.07
N LEU B 318 -31.31 -1.35 12.48
CA LEU B 318 -30.26 -1.57 11.50
C LEU B 318 -30.79 -1.39 10.09
N GLN B 319 -30.16 -0.51 9.31
CA GLN B 319 -30.55 -0.28 7.92
C GLN B 319 -29.42 -0.80 7.04
N THR B 320 -29.76 -1.47 5.96
CA THR B 320 -28.73 -2.00 5.08
C THR B 320 -28.59 -1.26 3.75
N VAL B 321 -27.35 -1.07 3.31
CA VAL B 321 -27.11 -0.42 2.03
C VAL B 321 -26.61 -1.46 1.03
N THR B 322 -27.27 -1.49 -0.13
CA THR B 322 -26.92 -2.41 -1.21
C THR B 322 -27.22 -1.75 -2.57
N LEU B 323 -26.90 -2.48 -3.63
CA LEU B 323 -27.10 -2.02 -5.01
C LEU B 323 -28.53 -2.12 -5.52
N LEU B 324 -28.87 -1.22 -6.44
CA LEU B 324 -30.21 -1.21 -7.03
C LEU B 324 -30.19 -1.93 -8.37
N ARG B 325 -30.14 -3.26 -8.31
CA ARG B 325 -30.11 -4.07 -9.52
C ARG B 325 -31.45 -4.07 -10.24
N THR B 326 -31.39 -3.88 -11.55
CA THR B 326 -32.58 -3.87 -12.37
C THR B 326 -32.55 -5.17 -13.17
N VAL B 327 -33.60 -5.44 -13.93
CA VAL B 327 -33.65 -6.65 -14.75
C VAL B 327 -34.49 -6.38 -15.99
N LYS B 328 -34.55 -7.37 -16.88
CA LYS B 328 -35.33 -7.28 -18.10
C LYS B 328 -35.38 -8.68 -18.70
N PRO B 329 -36.27 -8.91 -19.68
CA PRO B 329 -36.41 -10.22 -20.32
C PRO B 329 -35.09 -10.90 -20.70
N GLU B 330 -34.30 -10.19 -21.51
CA GLU B 330 -33.01 -10.69 -21.98
C GLU B 330 -32.16 -11.21 -20.82
N PHE B 331 -32.16 -10.48 -19.70
CA PHE B 331 -31.40 -10.86 -18.52
C PHE B 331 -31.80 -12.25 -18.02
N GLU B 332 -33.06 -12.59 -18.24
CA GLU B 332 -33.59 -13.88 -17.82
C GLU B 332 -32.90 -14.98 -18.62
N LYS B 333 -32.75 -14.78 -19.92
CA LYS B 333 -32.08 -15.75 -20.77
C LYS B 333 -30.68 -15.94 -20.20
N PHE B 334 -30.00 -14.81 -20.02
CA PHE B 334 -28.65 -14.80 -19.50
C PHE B 334 -28.52 -15.63 -18.22
N SER B 335 -29.35 -15.30 -17.23
CA SER B 335 -29.31 -16.00 -15.96
C SER B 335 -29.54 -17.50 -16.09
N MET B 336 -30.38 -17.89 -17.04
CA MET B 336 -30.66 -19.29 -17.26
C MET B 336 -29.37 -20.02 -17.65
N GLU B 337 -28.69 -19.49 -18.66
CA GLU B 337 -27.46 -20.07 -19.16
C GLU B 337 -26.32 -20.00 -18.14
N VAL B 338 -26.13 -18.83 -17.53
CA VAL B 338 -25.08 -18.68 -16.54
C VAL B 338 -25.33 -19.68 -15.42
N LYS B 339 -26.57 -19.74 -14.94
CA LYS B 339 -26.93 -20.68 -13.88
C LYS B 339 -26.59 -22.08 -14.36
N SER B 340 -27.08 -22.43 -15.55
CA SER B 340 -26.84 -23.74 -16.15
C SER B 340 -25.36 -24.13 -16.20
N SER B 341 -24.54 -23.25 -16.77
CA SER B 341 -23.11 -23.52 -16.88
C SER B 341 -22.43 -23.73 -15.54
N VAL B 342 -22.69 -22.83 -14.60
CA VAL B 342 -22.08 -22.93 -13.27
C VAL B 342 -22.39 -24.26 -12.60
N GLU B 343 -23.65 -24.68 -12.68
CA GLU B 343 -24.08 -25.95 -12.09
C GLU B 343 -23.46 -27.12 -12.82
N LYS B 344 -23.37 -27.01 -14.15
CA LYS B 344 -22.77 -28.05 -14.96
C LYS B 344 -21.30 -28.19 -14.59
N GLN B 345 -20.78 -27.21 -13.86
CA GLN B 345 -19.38 -27.22 -13.44
C GLN B 345 -19.33 -27.70 -12.00
N GLY B 346 -20.47 -28.15 -11.49
CA GLY B 346 -20.52 -28.65 -10.12
C GLY B 346 -20.78 -27.59 -9.09
N LEU B 347 -20.24 -26.40 -9.31
CA LEU B 347 -20.41 -25.29 -8.38
C LEU B 347 -21.87 -25.13 -7.97
N ASN B 348 -22.12 -25.24 -6.66
CA ASN B 348 -23.46 -25.10 -6.13
C ASN B 348 -23.94 -23.69 -6.48
N MET B 349 -25.02 -23.61 -7.25
CA MET B 349 -25.55 -22.31 -7.64
C MET B 349 -25.78 -21.44 -6.41
N GLU B 350 -25.05 -20.33 -6.33
CA GLU B 350 -25.17 -19.40 -5.21
C GLU B 350 -26.64 -18.99 -5.05
N ASP B 351 -27.16 -18.33 -6.08
CA ASP B 351 -28.54 -17.87 -6.12
C ASP B 351 -28.86 -17.40 -7.53
N TYR B 352 -27.83 -16.85 -8.20
CA TYR B 352 -27.97 -16.37 -9.57
C TYR B 352 -26.69 -15.65 -10.04
N VAL B 353 -26.88 -14.48 -10.62
CA VAL B 353 -25.75 -13.68 -11.09
C VAL B 353 -25.53 -12.41 -10.27
N ASN B 354 -24.32 -12.28 -9.74
CA ASN B 354 -23.96 -11.11 -8.93
C ASN B 354 -23.51 -9.94 -9.80
N MET B 355 -23.34 -8.80 -9.16
CA MET B 355 -22.91 -7.60 -9.86
C MET B 355 -21.66 -7.84 -10.66
N PHE B 356 -20.77 -8.71 -10.18
CA PHE B 356 -19.53 -8.97 -10.89
C PHE B 356 -19.76 -9.67 -12.24
N VAL B 357 -20.63 -10.67 -12.25
CA VAL B 357 -20.94 -11.42 -13.46
C VAL B 357 -21.53 -10.51 -14.53
N GLU B 358 -22.62 -9.87 -14.15
CA GLU B 358 -23.34 -8.95 -15.01
C GLU B 358 -22.40 -7.85 -15.46
N GLY B 359 -21.42 -7.57 -14.61
CA GLY B 359 -20.44 -6.54 -14.90
C GLY B 359 -19.51 -6.88 -16.03
N PHE B 360 -18.90 -8.06 -15.95
CA PHE B 360 -17.97 -8.47 -16.99
C PHE B 360 -18.67 -8.68 -18.32
N HIS B 361 -19.93 -9.08 -18.28
CA HIS B 361 -20.64 -9.27 -19.53
C HIS B 361 -20.75 -7.92 -20.24
N ASP B 362 -21.19 -6.90 -19.52
CA ASP B 362 -21.31 -5.58 -20.12
C ASP B 362 -19.92 -5.00 -20.36
N ALA B 363 -18.91 -5.60 -19.76
CA ALA B 363 -17.55 -5.13 -19.95
C ALA B 363 -17.12 -5.42 -21.38
N ILE B 364 -17.44 -6.62 -21.84
CA ILE B 364 -17.11 -7.03 -23.20
C ILE B 364 -17.84 -6.21 -24.26
N LEU B 365 -19.14 -5.97 -24.06
CA LEU B 365 -19.91 -5.15 -25.00
C LEU B 365 -19.25 -3.77 -25.05
N LEU B 366 -18.84 -3.27 -23.89
CA LEU B 366 -18.20 -1.95 -23.79
C LEU B 366 -16.89 -1.95 -24.60
N TYR B 367 -16.06 -2.97 -24.43
CA TYR B 367 -14.81 -3.01 -25.19
C TYR B 367 -15.13 -3.08 -26.67
N VAL B 368 -16.07 -3.95 -27.05
CA VAL B 368 -16.45 -4.11 -28.45
C VAL B 368 -17.03 -2.85 -29.07
N LEU B 369 -17.87 -2.14 -28.31
CA LEU B 369 -18.45 -0.90 -28.79
C LEU B 369 -17.32 0.07 -29.09
N ALA B 370 -16.36 0.14 -28.19
CA ALA B 370 -15.22 1.03 -28.35
C ALA B 370 -14.30 0.64 -29.52
N LEU B 371 -14.07 -0.67 -29.69
CA LEU B 371 -13.21 -1.11 -30.78
C LEU B 371 -13.86 -0.68 -32.08
N HIS B 372 -15.13 -1.04 -32.25
CA HIS B 372 -15.89 -0.67 -33.43
C HIS B 372 -15.57 0.78 -33.82
N GLU B 373 -15.84 1.71 -32.92
CA GLU B 373 -15.61 3.12 -33.17
C GLU B 373 -14.15 3.46 -33.46
N VAL B 374 -13.23 2.99 -32.63
CA VAL B 374 -11.82 3.29 -32.83
C VAL B 374 -11.31 2.70 -34.14
N LEU B 375 -11.92 1.59 -34.54
CA LEU B 375 -11.55 0.89 -35.76
C LEU B 375 -12.23 1.57 -36.95
N ARG B 376 -12.73 2.78 -36.71
CA ARG B 376 -13.42 3.54 -37.74
C ARG B 376 -12.66 4.82 -38.06
N ALA B 377 -11.99 5.37 -37.05
CA ALA B 377 -11.22 6.60 -37.23
C ALA B 377 -9.88 6.29 -37.87
N GLY B 378 -9.66 5.02 -38.21
CA GLY B 378 -8.41 4.61 -38.84
C GLY B 378 -7.38 4.11 -37.84
N TYR B 379 -7.85 3.67 -36.67
CA TYR B 379 -6.96 3.17 -35.64
C TYR B 379 -7.01 1.65 -35.59
N SER B 380 -6.17 1.04 -34.75
CA SER B 380 -6.11 -0.41 -34.62
C SER B 380 -6.37 -0.91 -33.21
N LYS B 381 -6.50 -2.21 -33.06
CA LYS B 381 -6.76 -2.78 -31.75
C LYS B 381 -5.61 -2.51 -30.80
N LYS B 382 -4.45 -2.18 -31.35
CA LYS B 382 -3.30 -1.92 -30.51
C LYS B 382 -3.21 -0.52 -29.92
N ASP B 383 -4.27 0.28 -30.09
CA ASP B 383 -4.29 1.63 -29.54
C ASP B 383 -5.20 1.70 -28.32
N GLY B 384 -4.79 1.03 -27.24
CA GLY B 384 -5.57 0.99 -26.01
C GLY B 384 -6.10 2.34 -25.56
N GLY B 385 -5.24 3.35 -25.59
CA GLY B 385 -5.66 4.68 -25.17
C GLY B 385 -6.92 5.11 -25.89
N LYS B 386 -6.84 5.16 -27.22
CA LYS B 386 -7.99 5.55 -28.02
C LYS B 386 -9.22 4.68 -27.73
N ILE B 387 -8.98 3.43 -27.35
CA ILE B 387 -10.07 2.50 -27.04
C ILE B 387 -10.71 2.84 -25.70
N ILE B 388 -9.86 3.12 -24.72
CA ILE B 388 -10.33 3.45 -23.38
C ILE B 388 -11.13 4.73 -23.35
N GLN B 389 -10.59 5.81 -23.92
CA GLN B 389 -11.31 7.06 -23.92
C GLN B 389 -12.68 6.87 -24.58
N GLN B 390 -12.79 5.83 -25.41
CA GLN B 390 -14.06 5.55 -26.08
C GLN B 390 -15.07 4.90 -25.15
N THR B 391 -14.58 4.15 -24.16
CA THR B 391 -15.46 3.49 -23.19
C THR B 391 -15.90 4.46 -22.10
N TRP B 392 -15.22 5.60 -22.03
CA TRP B 392 -15.53 6.62 -21.02
C TRP B 392 -16.69 7.55 -21.40
N ASN B 393 -17.24 8.21 -20.40
CA ASN B 393 -18.33 9.15 -20.59
C ASN B 393 -19.38 8.71 -21.60
N ARG B 394 -20.04 7.59 -21.34
CA ARG B 394 -21.07 7.12 -22.26
C ARG B 394 -22.08 6.16 -21.64
N THR B 395 -23.19 5.96 -22.35
CA THR B 395 -24.25 5.07 -21.89
C THR B 395 -24.63 4.06 -22.97
N PHE B 396 -24.74 2.80 -22.56
CA PHE B 396 -25.11 1.72 -23.46
C PHE B 396 -26.05 0.75 -22.78
N GLU B 397 -26.54 -0.23 -23.55
CA GLU B 397 -27.47 -1.22 -23.02
C GLU B 397 -26.73 -2.48 -22.57
N GLY B 398 -26.86 -2.81 -21.30
CA GLY B 398 -26.22 -4.00 -20.78
C GLY B 398 -27.27 -5.10 -20.74
N ILE B 399 -26.97 -6.22 -20.09
CA ILE B 399 -27.97 -7.29 -20.02
C ILE B 399 -29.13 -6.90 -19.12
N ALA B 400 -28.85 -6.01 -18.17
CA ALA B 400 -29.87 -5.59 -17.23
C ALA B 400 -30.45 -4.22 -17.51
N GLY B 401 -29.84 -3.48 -18.43
CA GLY B 401 -30.36 -2.17 -18.76
C GLY B 401 -29.29 -1.10 -18.94
N GLN B 402 -29.72 0.14 -18.81
CA GLN B 402 -28.82 1.27 -18.95
C GLN B 402 -27.58 1.07 -18.11
N VAL B 403 -26.46 1.55 -18.65
CA VAL B 403 -25.17 1.50 -17.98
C VAL B 403 -24.50 2.81 -18.36
N SER B 404 -24.21 3.66 -17.38
CA SER B 404 -23.58 4.94 -17.68
C SER B 404 -22.21 5.15 -17.03
N ILE B 405 -21.18 5.26 -17.85
CA ILE B 405 -19.84 5.49 -17.35
C ILE B 405 -19.54 6.97 -17.41
N ASP B 406 -19.12 7.52 -16.28
CA ASP B 406 -18.84 8.95 -16.19
C ASP B 406 -17.53 9.33 -16.87
N ALA B 407 -17.34 10.63 -17.06
CA ALA B 407 -16.15 11.14 -17.72
C ALA B 407 -14.84 10.81 -17.02
N ASN B 408 -14.86 9.82 -16.12
CA ASN B 408 -13.62 9.47 -15.45
C ASN B 408 -13.36 7.98 -15.48
N GLY B 409 -14.17 7.27 -16.25
CA GLY B 409 -14.00 5.83 -16.38
C GLY B 409 -14.66 5.06 -15.25
N ASP B 410 -15.57 5.71 -14.53
CA ASP B 410 -16.23 5.06 -13.42
C ASP B 410 -17.75 4.95 -13.62
N ARG B 411 -18.25 3.73 -13.45
CA ARG B 411 -19.66 3.42 -13.61
C ARG B 411 -20.53 4.10 -12.56
N TYR B 412 -21.51 4.89 -12.99
CA TYR B 412 -22.40 5.56 -12.04
C TYR B 412 -23.12 4.45 -11.30
N GLY B 413 -23.30 4.62 -9.98
CA GLY B 413 -23.98 3.59 -9.22
C GLY B 413 -25.29 4.03 -8.62
N ASP B 414 -26.28 3.14 -8.62
CA ASP B 414 -27.58 3.43 -8.03
C ASP B 414 -27.75 2.48 -6.85
N PHE B 415 -28.09 3.05 -5.69
CA PHE B 415 -28.26 2.27 -4.46
C PHE B 415 -29.65 2.31 -3.86
N SER B 416 -29.93 1.35 -2.98
CA SER B 416 -31.23 1.24 -2.30
C SER B 416 -30.97 0.93 -0.85
N VAL B 417 -31.89 1.30 0.03
CA VAL B 417 -31.72 1.04 1.45
C VAL B 417 -32.75 0.01 1.95
N ILE B 418 -32.29 -0.95 2.74
CA ILE B 418 -33.15 -2.00 3.27
C ILE B 418 -33.37 -1.86 4.77
N ALA B 419 -34.59 -1.53 5.16
CA ALA B 419 -34.93 -1.38 6.57
C ALA B 419 -36.08 -2.31 6.96
N MET B 420 -36.34 -2.42 8.25
CA MET B 420 -37.41 -3.27 8.75
C MET B 420 -38.70 -2.47 8.89
N THR B 421 -39.73 -2.91 8.17
CA THR B 421 -41.03 -2.24 8.17
C THR B 421 -42.11 -2.86 9.06
N ASP B 422 -41.75 -3.91 9.78
CA ASP B 422 -42.67 -4.59 10.68
C ASP B 422 -41.80 -5.31 11.69
N VAL B 423 -41.70 -4.78 12.90
CA VAL B 423 -40.87 -5.39 13.93
C VAL B 423 -41.32 -6.80 14.33
N GLU B 424 -42.64 -7.01 14.28
CA GLU B 424 -43.19 -8.30 14.65
C GLU B 424 -42.70 -9.33 13.64
N ALA B 425 -43.24 -9.25 12.44
CA ALA B 425 -42.92 -10.16 11.34
C ALA B 425 -41.43 -10.38 11.09
N GLY B 426 -40.72 -9.30 10.74
CA GLY B 426 -39.31 -9.40 10.46
C GLY B 426 -39.10 -8.89 9.05
N THR B 427 -40.19 -8.42 8.45
CA THR B 427 -40.20 -7.89 7.09
C THR B 427 -39.19 -6.76 6.91
N GLN B 428 -38.39 -6.85 5.84
CA GLN B 428 -37.38 -5.83 5.53
C GLN B 428 -37.55 -5.46 4.06
N GLU B 429 -38.24 -4.35 3.77
CA GLU B 429 -38.43 -3.94 2.39
C GLU B 429 -37.64 -2.66 2.09
N VAL B 430 -37.43 -2.35 0.81
CA VAL B 430 -36.66 -1.15 0.43
C VAL B 430 -37.37 0.16 0.73
N ILE B 431 -36.74 0.97 1.57
CA ILE B 431 -37.27 2.28 1.99
C ILE B 431 -37.09 3.36 0.94
N GLY B 432 -35.90 3.38 0.32
CA GLY B 432 -35.61 4.38 -0.69
C GLY B 432 -34.42 4.02 -1.57
N ASP B 433 -34.24 4.80 -2.63
CA ASP B 433 -33.15 4.57 -3.56
C ASP B 433 -32.38 5.84 -3.89
N TYR B 434 -31.21 5.66 -4.49
CA TYR B 434 -30.34 6.74 -4.91
C TYR B 434 -29.86 6.44 -6.33
N PHE B 435 -29.89 7.45 -7.20
CA PHE B 435 -29.45 7.24 -8.57
C PHE B 435 -28.21 8.06 -8.89
N GLY B 436 -27.07 7.36 -8.90
CA GLY B 436 -25.78 7.98 -9.16
C GLY B 436 -25.71 9.13 -10.15
N LYS B 437 -26.07 8.88 -11.40
CA LYS B 437 -25.98 9.93 -12.43
C LYS B 437 -26.81 11.15 -12.07
N GLU B 438 -28.13 10.98 -11.94
CA GLU B 438 -29.00 12.08 -11.58
C GLU B 438 -28.51 12.66 -10.25
N GLY B 439 -28.33 11.79 -9.26
CA GLY B 439 -27.86 12.21 -7.96
C GLY B 439 -29.00 12.54 -7.03
N ARG B 440 -30.14 11.89 -7.24
CA ARG B 440 -31.34 12.10 -6.44
C ARG B 440 -31.68 10.90 -5.54
N PHE B 441 -31.79 11.15 -4.23
CA PHE B 441 -32.16 10.09 -3.29
C PHE B 441 -33.66 10.21 -3.09
N GLU B 442 -34.41 9.16 -3.33
CA GLU B 442 -35.85 9.23 -3.17
C GLU B 442 -36.45 8.12 -2.31
N MET B 443 -37.35 8.52 -1.40
CA MET B 443 -38.03 7.58 -0.52
C MET B 443 -39.23 7.02 -1.27
N ARG B 444 -39.59 5.77 -0.99
CA ARG B 444 -40.71 5.15 -1.66
C ARG B 444 -41.98 5.28 -0.81
N PRO B 445 -43.17 5.05 -1.43
CA PRO B 445 -44.49 5.12 -0.80
C PRO B 445 -44.76 4.04 0.24
N GLY C 1 -3.97 2.63 17.80
CA GLY C 1 -3.41 3.78 17.05
C GLY C 1 -3.45 3.60 15.53
N CYS C 2 -2.91 4.58 14.81
CA CYS C 2 -2.89 4.52 13.34
C CYS C 2 -1.78 3.63 12.78
N PHE C 3 -1.86 2.34 13.04
CA PHE C 3 -0.87 1.40 12.54
C PHE C 3 -1.45 -0.01 12.54
N GLY C 4 -2.45 -0.22 13.41
CA GLY C 4 -3.08 -1.53 13.52
C GLY C 4 -2.06 -2.55 14.00
N ARG C 5 -2.47 -3.82 14.12
CA ARG C 5 -1.54 -4.86 14.59
C ARG C 5 -0.41 -5.13 13.60
N LYS C 6 -0.59 -4.71 12.35
CA LYS C 6 0.41 -4.89 11.30
C LYS C 6 0.13 -3.88 10.18
N MET C 7 0.73 -4.13 9.01
CA MET C 7 0.57 -3.27 7.83
C MET C 7 1.01 -4.11 6.63
N ASP C 8 1.03 -5.43 6.83
CA ASP C 8 1.43 -6.42 5.83
C ASP C 8 1.68 -5.90 4.40
N ARG C 9 0.65 -5.33 3.79
CA ARG C 9 0.76 -4.81 2.42
C ARG C 9 1.46 -3.47 2.28
N ILE C 10 2.50 -3.25 3.07
CA ILE C 10 3.25 -2.01 2.98
C ILE C 10 3.81 -2.00 1.57
N SER C 11 3.74 -0.85 0.91
CA SER C 11 4.31 -0.74 -0.43
C SER C 11 3.43 -1.38 -1.53
N SER C 12 2.20 -0.90 -1.61
CA SER C 12 1.19 -1.35 -2.58
C SER C 12 0.44 -0.14 -3.15
N SER C 13 -0.22 0.61 -2.27
CA SER C 13 -0.96 1.83 -2.63
C SER C 13 -1.77 2.38 -1.44
N SER C 14 -2.40 1.50 -0.68
CA SER C 14 -3.22 1.88 0.47
C SER C 14 -2.61 2.99 1.36
N GLY C 15 -2.95 4.23 1.04
CA GLY C 15 -2.45 5.37 1.79
C GLY C 15 -3.40 6.55 1.65
N LEU C 16 -4.69 6.31 1.87
CA LEU C 16 -5.72 7.33 1.77
C LEU C 16 -6.53 7.41 3.07
N GLY C 17 -6.10 6.67 4.08
CA GLY C 17 -6.79 6.66 5.35
C GLY C 17 -6.04 5.94 6.45
N CYS C 18 -6.14 6.45 7.67
CA CYS C 18 -5.49 5.85 8.82
C CYS C 18 -6.30 4.71 9.43
N LYS C 19 -5.91 4.32 10.64
CA LYS C 19 -6.56 3.25 11.39
C LYS C 19 -6.42 3.62 12.88
N VAL C 20 -7.08 2.89 13.77
CA VAL C 20 -6.99 3.19 15.21
C VAL C 20 -8.04 2.44 16.03
N LEU C 21 -7.67 2.03 17.23
CA LEU C 21 -8.61 1.35 18.12
C LEU C 21 -8.85 2.22 19.37
#